data_1E3U
#
_entry.id   1E3U
#
_cell.length_a   65.530
_cell.length_b   82.940
_cell.length_c   101.420
_cell.angle_alpha   90.00
_cell.angle_beta   95.03
_cell.angle_gamma   90.00
#
_symmetry.space_group_name_H-M   'P 1 21 1'
#
loop_
_entity.id
_entity.type
_entity.pdbx_description
1 polymer 'BETA-LACTAMASE OXA-10'
2 polymer 'BETA-LACTAMASE OXA-10'
3 non-polymer 'GOLD (I) CYANIDE ION'
4 non-polymer 'SULFATE ION'
5 non-polymer 1,2-ETHANEDIOL
6 water water
#
loop_
_entity_poly.entity_id
_entity_poly.type
_entity_poly.pdbx_seq_one_letter_code
_entity_poly.pdbx_strand_id
1 'polypeptide(L)'
;SITENTSWNKEFSAEAVNGVFVLCKSSSKSCATNDLARASKEYLPASTFKIPNAIIGLETGVIKNEHQVFKWDGKPRAMK
QWERDLTLRGAIQVSAVPVFQQIAREVGEVRMQKYLKKFSYGNQNISGGIDKFWLEGQLRISAVNQVEFLESLYLNKLSA
SKENQLIVKEALVTEAAPEYLVHSKTGFSGVGTESNPGVAWWVGWVEKETEVYFFAFNMDIDNESKLPLRKSIPTKIMES
EGIIGG
;
A,B,C
2 'polypeptide(L)'
;SITENTSWNKEFSAEAVNGVFVLCKSSSKSCATNDLARASKEYLPASTFKIPNAIIGLETGVIKNEHQVFKWPGKPRAMK
QWERDLTLRGAIQVSAVPVFQQIAREVGEVRMQKYLKKFSYGNQNISGGIDKFWLEGQLRISAVNQVEFLESLYLNKLSA
SKENQLIVKEALVTEAAPEYLVHSKTGFSGVGTESNPGVAWWVGWVEKETEVYFFAFNMDIDNESKLPLRKSIPTKIMES
EGIIGG
;
D
#
# COMPACT_ATOMS: atom_id res chain seq x y z
N ILE A 2 17.20 33.08 34.05
CA ILE A 2 17.24 33.55 32.63
C ILE A 2 17.82 34.95 32.54
N THR A 3 18.78 35.14 31.64
CA THR A 3 19.40 36.43 31.44
C THR A 3 19.09 36.98 30.05
N GLU A 4 19.00 38.31 29.94
CA GLU A 4 18.85 38.93 28.63
C GLU A 4 20.22 39.21 28.02
N ASN A 5 20.42 38.72 26.80
CA ASN A 5 21.60 39.07 26.03
C ASN A 5 21.21 40.06 24.94
N THR A 6 21.56 41.32 25.16
CA THR A 6 21.16 42.42 24.29
C THR A 6 21.77 42.34 22.90
N SER A 7 22.97 41.79 22.78
CA SER A 7 23.70 41.74 21.52
C SER A 7 23.07 40.79 20.50
N TRP A 8 22.29 39.82 20.96
CA TRP A 8 21.62 38.88 20.07
C TRP A 8 20.52 39.50 19.23
N ASN A 9 20.02 40.68 19.56
CA ASN A 9 19.07 41.40 18.72
C ASN A 9 19.68 41.94 17.43
N LYS A 10 21.00 42.08 17.35
CA LYS A 10 21.69 42.38 16.11
C LYS A 10 21.17 41.53 14.95
N GLU A 11 21.11 40.22 15.12
CA GLU A 11 20.57 39.31 14.14
C GLU A 11 19.12 39.58 13.78
N PHE A 12 18.30 40.02 14.72
CA PHE A 12 16.89 40.28 14.48
C PHE A 12 16.65 41.61 13.75
N SER A 13 17.43 42.63 14.07
CA SER A 13 17.18 43.98 13.57
C SER A 13 17.40 44.10 12.08
N ALA A 14 18.37 43.38 11.52
CA ALA A 14 18.69 43.44 10.10
C ALA A 14 17.52 43.03 9.22
N GLU A 15 16.79 41.99 9.61
CA GLU A 15 15.64 41.53 8.84
C GLU A 15 14.33 42.15 9.32
N ALA A 16 14.40 43.01 10.34
CA ALA A 16 13.21 43.56 10.97
C ALA A 16 12.32 42.44 11.52
N VAL A 17 12.94 41.50 12.22
CA VAL A 17 12.24 40.33 12.74
C VAL A 17 11.80 40.58 14.19
N ASN A 18 10.52 40.35 14.45
CA ASN A 18 10.03 40.28 15.82
C ASN A 18 10.00 38.82 16.27
N GLY A 19 10.93 38.46 17.15
CA GLY A 19 11.07 37.06 17.54
C GLY A 19 11.89 36.91 18.80
N VAL A 20 12.03 35.67 19.25
CA VAL A 20 12.80 35.38 20.44
C VAL A 20 13.65 34.12 20.25
N PHE A 21 14.85 34.16 20.78
CA PHE A 21 15.71 32.98 20.88
C PHE A 21 16.02 32.70 22.34
N VAL A 22 15.78 31.46 22.77
CA VAL A 22 16.12 31.03 24.11
C VAL A 22 17.19 29.95 24.03
N LEU A 23 18.32 30.18 24.67
CA LEU A 23 19.45 29.25 24.60
C LEU A 23 19.93 28.90 26.01
N CYS A 24 19.97 27.61 26.32
CA CYS A 24 20.31 27.16 27.66
C CYS A 24 21.47 26.17 27.64
N LYS A 25 22.53 26.47 28.38
CA LYS A 25 23.68 25.58 28.46
C LYS A 25 23.53 24.60 29.62
N SER A 26 23.60 23.30 29.35
CA SER A 26 23.56 22.23 30.32
C SER A 26 22.17 21.91 30.86
N SER A 27 21.38 22.91 31.24
CA SER A 27 20.03 22.71 31.71
C SER A 27 19.22 23.99 31.53
N SER A 28 17.95 23.94 31.90
CA SER A 28 17.03 25.06 31.76
C SER A 28 17.11 26.05 32.91
N LYS A 29 18.02 25.83 33.86
CA LYS A 29 18.32 26.79 34.91
C LYS A 29 19.27 27.87 34.43
N SER A 30 20.04 27.59 33.39
CA SER A 30 21.02 28.54 32.87
C SER A 30 20.68 28.98 31.45
N CYS A 31 19.67 29.83 31.30
CA CYS A 31 19.20 30.24 29.98
C CYS A 31 19.45 31.71 29.69
N ALA A 32 19.64 32.02 28.42
CA ALA A 32 19.76 33.40 27.97
C ALA A 32 18.82 33.65 26.79
N THR A 33 18.44 34.90 26.59
CA THR A 33 17.50 35.24 25.52
C THR A 33 17.72 36.67 25.06
N ASN A 34 17.29 37.00 23.85
CA ASN A 34 17.34 38.36 23.35
C ASN A 34 16.18 39.19 23.86
N ASP A 35 15.09 38.53 24.28
CA ASP A 35 13.87 39.23 24.67
C ASP A 35 13.20 38.50 25.82
N LEU A 36 13.38 39.06 27.02
CA LEU A 36 12.80 38.47 28.22
C LEU A 36 11.28 38.41 28.18
N ALA A 37 10.62 39.45 27.71
CA ALA A 37 9.16 39.47 27.65
C ALA A 37 8.61 38.38 26.74
N ARG A 38 9.22 38.22 25.56
CA ARG A 38 8.72 37.27 24.58
C ARG A 38 9.11 35.82 24.89
N ALA A 39 10.13 35.62 25.70
CA ALA A 39 10.60 34.28 26.05
C ALA A 39 9.51 33.39 26.60
N SER A 40 8.59 33.92 27.40
CA SER A 40 7.47 33.12 27.89
C SER A 40 6.14 33.47 27.24
N LYS A 41 6.13 34.24 26.16
CA LYS A 41 4.90 34.43 25.40
C LYS A 41 4.54 33.16 24.64
N GLU A 42 3.25 32.84 24.56
CA GLU A 42 2.83 31.56 24.01
C GLU A 42 2.19 31.65 22.64
N TYR A 43 2.62 30.74 21.75
CA TYR A 43 2.25 30.73 20.35
C TYR A 43 1.82 29.34 19.91
N LEU A 44 0.96 29.26 18.89
CA LEU A 44 0.67 27.99 18.24
C LEU A 44 1.95 27.21 17.98
N PRO A 45 1.97 25.91 18.30
CA PRO A 45 3.13 25.08 18.11
C PRO A 45 3.32 24.63 16.68
N ALA A 46 2.24 24.58 15.91
CA ALA A 46 2.32 24.06 14.52
C ALA A 46 3.14 22.78 14.53
N SER A 47 4.02 22.50 13.57
CA SER A 47 4.63 21.19 13.45
C SER A 47 5.58 20.82 14.58
N THR A 48 5.97 21.75 15.47
CA THR A 48 6.68 21.37 16.68
C THR A 48 5.86 20.46 17.59
N PHE A 49 4.53 20.47 17.48
CA PHE A 49 3.68 19.55 18.22
C PHE A 49 3.80 18.10 17.75
N LYS A 50 4.43 17.81 16.61
CA LYS A 50 4.75 16.43 16.24
C LYS A 50 5.59 15.73 17.31
N ILE A 51 6.42 16.46 18.06
CA ILE A 51 7.20 15.84 19.13
C ILE A 51 6.33 15.19 20.20
N PRO A 52 5.50 15.93 20.92
CA PRO A 52 4.59 15.37 21.89
C PRO A 52 3.62 14.38 21.27
N ASN A 53 3.09 14.73 20.10
CA ASN A 53 2.13 13.86 19.40
C ASN A 53 2.74 12.51 19.08
N ALA A 54 3.99 12.48 18.62
CA ALA A 54 4.67 11.21 18.34
C ALA A 54 4.83 10.38 19.61
N ILE A 55 5.27 11.02 20.69
CA ILE A 55 5.44 10.31 21.95
C ILE A 55 4.13 9.72 22.44
N ILE A 56 3.06 10.52 22.42
CA ILE A 56 1.73 10.07 22.80
C ILE A 56 1.21 8.95 21.91
N GLY A 57 1.40 9.06 20.60
CA GLY A 57 1.04 8.00 19.67
C GLY A 57 1.71 6.67 20.02
N LEU A 58 3.00 6.70 20.29
CA LEU A 58 3.72 5.52 20.77
C LEU A 58 3.21 5.06 22.13
N GLU A 59 3.03 5.98 23.08
CA GLU A 59 2.59 5.60 24.42
C GLU A 59 1.25 4.89 24.43
N THR A 60 0.30 5.37 23.64
CA THR A 60 -1.05 4.83 23.58
C THR A 60 -1.17 3.58 22.71
N GLY A 61 -0.18 3.29 21.89
CA GLY A 61 -0.21 2.12 21.02
C GLY A 61 -0.79 2.43 19.64
N VAL A 62 -1.16 3.69 19.42
CA VAL A 62 -1.61 4.15 18.12
C VAL A 62 -0.50 3.94 17.09
N ILE A 63 0.72 4.34 17.44
CA ILE A 63 1.92 4.00 16.68
C ILE A 63 2.55 2.75 17.25
N LYS A 64 2.71 1.70 16.45
CA LYS A 64 3.11 0.39 16.96
C LYS A 64 4.52 0.40 17.53
N ASN A 65 5.47 0.88 16.73
CA ASN A 65 6.87 0.98 17.17
C ASN A 65 7.61 1.93 16.24
N GLU A 66 8.93 2.00 16.33
CA GLU A 66 9.75 2.90 15.56
C GLU A 66 9.76 2.59 14.06
N HIS A 67 9.36 1.39 13.65
CA HIS A 67 9.44 0.99 12.26
C HIS A 67 8.08 0.95 11.57
N GLN A 68 7.05 1.47 12.23
CA GLN A 68 5.75 1.55 11.57
C GLN A 68 5.85 2.43 10.32
N VAL A 69 5.29 1.91 9.22
CA VAL A 69 5.20 2.69 7.99
C VAL A 69 3.80 3.30 7.88
N PHE A 70 3.76 4.59 7.63
CA PHE A 70 2.51 5.30 7.41
C PHE A 70 2.26 5.36 5.90
N LYS A 71 1.34 4.53 5.43
CA LYS A 71 1.17 4.32 4.01
C LYS A 71 0.36 5.44 3.36
N TRP A 72 0.78 5.84 2.17
CA TRP A 72 0.02 6.81 1.39
C TRP A 72 -1.11 6.09 0.66
N ASP A 73 -2.30 6.67 0.68
CA ASP A 73 -3.45 6.10 0.01
C ASP A 73 -3.55 6.52 -1.45
N GLY A 74 -2.63 7.33 -1.94
CA GLY A 74 -2.62 7.74 -3.33
C GLY A 74 -3.50 8.96 -3.59
N LYS A 75 -4.05 9.57 -2.55
CA LYS A 75 -4.90 10.74 -2.71
C LYS A 75 -4.11 12.02 -2.44
N PRO A 76 -4.57 13.13 -3.01
CA PRO A 76 -3.85 14.39 -2.94
C PRO A 76 -3.59 14.83 -1.52
N ARG A 77 -2.35 15.26 -1.28
CA ARG A 77 -2.00 15.93 -0.02
C ARG A 77 -1.54 17.35 -0.35
N ALA A 78 -1.47 18.19 0.69
CA ALA A 78 -1.22 19.61 0.47
C ALA A 78 0.18 19.87 -0.05
N MET A 79 1.14 19.04 0.35
CA MET A 79 2.51 19.11 -0.16
C MET A 79 2.86 17.84 -0.92
N LYS A 80 3.53 18.01 -2.06
CA LYS A 80 4.01 16.89 -2.87
C LYS A 80 4.96 15.98 -2.11
N GLN A 81 5.75 16.55 -1.19
CA GLN A 81 6.70 15.81 -0.39
C GLN A 81 6.04 14.87 0.61
N TRP A 82 4.76 15.04 0.90
CA TRP A 82 4.01 14.14 1.73
C TRP A 82 3.34 13.01 0.94
N GLU A 83 3.39 13.07 -0.38
CA GLU A 83 2.70 12.05 -1.18
C GLU A 83 3.53 10.82 -1.43
N ARG A 84 3.71 10.03 -0.37
CA ARG A 84 4.53 8.83 -0.36
C ARG A 84 4.42 8.13 1.00
N ASP A 85 4.77 6.85 1.03
CA ASP A 85 4.88 6.14 2.30
C ASP A 85 5.96 6.81 3.14
N LEU A 86 5.71 6.93 4.44
CA LEU A 86 6.65 7.57 5.35
C LEU A 86 6.87 6.73 6.60
N THR A 87 8.11 6.70 7.08
CA THR A 87 8.35 6.19 8.43
C THR A 87 7.96 7.24 9.45
N LEU A 88 8.04 6.89 10.74
CA LEU A 88 7.78 7.86 11.79
C LEU A 88 8.78 9.01 11.67
N ARG A 89 10.08 8.68 11.57
CA ARG A 89 11.06 9.75 11.38
C ARG A 89 10.76 10.56 10.11
N GLY A 90 10.49 9.89 9.00
CA GLY A 90 10.21 10.58 7.74
C GLY A 90 9.05 11.56 7.88
N ALA A 91 7.94 11.11 8.46
CA ALA A 91 6.77 11.94 8.66
C ALA A 91 7.07 13.17 9.53
N ILE A 92 7.86 13.02 10.57
CA ILE A 92 8.29 14.15 11.39
C ILE A 92 9.19 15.09 10.59
N GLN A 93 10.21 14.54 9.93
CA GLN A 93 11.21 15.33 9.23
C GLN A 93 10.66 16.10 8.04
N VAL A 94 9.68 15.54 7.32
CA VAL A 94 9.06 16.29 6.22
C VAL A 94 7.81 17.04 6.68
N SER A 95 7.51 16.98 7.98
CA SER A 95 6.39 17.65 8.61
C SER A 95 5.05 17.28 7.96
N ALA A 96 4.83 15.98 7.78
CA ALA A 96 3.63 15.47 7.13
C ALA A 96 2.42 15.54 8.04
N VAL A 97 1.74 16.68 7.97
CA VAL A 97 0.55 17.00 8.74
C VAL A 97 -0.51 15.93 8.76
N PRO A 98 -0.89 15.37 7.61
CA PRO A 98 -1.97 14.41 7.53
C PRO A 98 -1.72 13.14 8.31
N VAL A 99 -0.46 12.69 8.36
CA VAL A 99 -0.08 11.55 9.18
C VAL A 99 -0.41 11.80 10.65
N PHE A 100 -0.02 12.97 11.16
CA PHE A 100 -0.23 13.30 12.56
C PHE A 100 -1.66 13.71 12.88
N GLN A 101 -2.41 14.24 11.91
CA GLN A 101 -3.85 14.41 12.10
C GLN A 101 -4.52 13.07 12.41
N GLN A 102 -4.19 12.03 11.65
CA GLN A 102 -4.77 10.71 11.92
C GLN A 102 -4.28 10.11 13.23
N ILE A 103 -3.01 10.30 13.59
CA ILE A 103 -2.54 9.88 14.91
C ILE A 103 -3.37 10.54 16.00
N ALA A 104 -3.53 11.86 15.93
CA ALA A 104 -4.29 12.61 16.91
C ALA A 104 -5.73 12.11 17.03
N ARG A 105 -6.38 11.84 15.91
CA ARG A 105 -7.73 11.27 15.94
C ARG A 105 -7.79 9.96 16.71
N GLU A 106 -6.84 9.06 16.45
CA GLU A 106 -6.82 7.75 17.09
C GLU A 106 -6.45 7.86 18.56
N VAL A 107 -5.54 8.76 18.92
CA VAL A 107 -5.29 9.10 20.32
C VAL A 107 -6.57 9.54 21.00
N GLY A 108 -7.25 10.53 20.43
CA GLY A 108 -8.51 11.01 20.96
C GLY A 108 -8.31 12.11 21.99
N GLU A 109 -9.34 12.94 22.19
CA GLU A 109 -9.25 14.10 23.07
C GLU A 109 -8.89 13.74 24.50
N VAL A 110 -9.50 12.71 25.08
CA VAL A 110 -9.26 12.40 26.49
C VAL A 110 -7.79 12.07 26.74
N ARG A 111 -7.24 11.15 25.94
CA ARG A 111 -5.85 10.76 26.09
C ARG A 111 -4.91 11.91 25.74
N MET A 112 -5.25 12.71 24.73
CA MET A 112 -4.42 13.85 24.37
C MET A 112 -4.32 14.84 25.53
N GLN A 113 -5.45 15.19 26.13
CA GLN A 113 -5.50 16.08 27.28
C GLN A 113 -4.63 15.57 28.43
N LYS A 114 -4.80 14.30 28.77
CA LYS A 114 -4.03 13.66 29.82
C LYS A 114 -2.53 13.79 29.64
N TYR A 115 -2.02 13.46 28.45
CA TYR A 115 -0.59 13.51 28.22
C TYR A 115 -0.04 14.92 28.19
N LEU A 116 -0.80 15.89 27.67
CA LEU A 116 -0.32 17.27 27.67
C LEU A 116 -0.28 17.83 29.09
N LYS A 117 -1.18 17.39 29.95
CA LYS A 117 -1.09 17.73 31.37
C LYS A 117 0.18 17.13 31.98
N LYS A 118 0.41 15.85 31.72
CA LYS A 118 1.62 15.17 32.18
C LYS A 118 2.90 15.84 31.69
N PHE A 119 2.90 16.33 30.45
CA PHE A 119 4.07 16.97 29.87
C PHE A 119 4.18 18.44 30.19
N SER A 120 3.23 19.03 30.89
CA SER A 120 3.19 20.47 31.14
C SER A 120 3.35 21.24 29.83
N TYR A 121 2.52 20.90 28.84
CA TYR A 121 2.74 21.40 27.48
C TYR A 121 1.93 22.66 27.22
N GLY A 122 2.57 23.82 27.42
CA GLY A 122 1.96 25.10 27.13
C GLY A 122 0.71 25.35 27.94
N ASN A 123 -0.31 25.92 27.28
CA ASN A 123 -1.57 26.23 27.96
C ASN A 123 -2.46 25.01 28.04
N GLN A 124 -2.06 23.90 27.43
CA GLN A 124 -2.75 22.63 27.49
C GLN A 124 -4.18 22.70 26.98
N ASN A 125 -4.43 23.60 26.03
CA ASN A 125 -5.77 23.85 25.52
C ASN A 125 -5.87 23.22 24.13
N ILE A 126 -6.56 22.10 24.03
CA ILE A 126 -6.63 21.40 22.75
C ILE A 126 -7.96 21.60 22.06
N SER A 127 -8.71 22.63 22.43
CA SER A 127 -9.94 22.94 21.71
C SER A 127 -9.61 23.47 20.32
N GLY A 128 -10.57 23.37 19.41
CA GLY A 128 -10.36 23.86 18.05
C GLY A 128 -10.38 22.70 17.05
N GLY A 129 -10.51 21.48 17.56
CA GLY A 129 -10.63 20.30 16.71
C GLY A 129 -9.45 19.36 16.93
N ILE A 130 -9.72 18.07 17.03
CA ILE A 130 -8.71 17.09 17.43
C ILE A 130 -7.59 16.95 16.41
N ASP A 131 -7.86 17.26 15.14
CA ASP A 131 -6.86 17.19 14.10
C ASP A 131 -6.36 18.56 13.65
N LYS A 132 -6.57 19.61 14.45
CA LYS A 132 -6.08 20.93 14.04
C LYS A 132 -5.79 21.87 15.20
N PHE A 133 -5.80 21.41 16.44
CA PHE A 133 -5.73 22.34 17.57
C PHE A 133 -4.36 23.00 17.66
N TRP A 134 -3.32 22.33 17.21
CA TRP A 134 -1.96 22.82 17.19
C TRP A 134 -1.66 23.85 16.11
N LEU A 135 -2.55 24.00 15.13
CA LEU A 135 -2.29 24.85 13.98
C LEU A 135 -3.34 25.95 13.88
N GLU A 136 -4.60 25.62 14.14
CA GLU A 136 -5.69 26.57 14.00
C GLU A 136 -6.47 26.76 15.29
N GLY A 137 -6.16 25.98 16.30
CA GLY A 137 -6.93 25.95 17.53
C GLY A 137 -6.35 26.81 18.64
N GLN A 138 -6.57 26.38 19.88
CA GLN A 138 -6.30 27.21 21.04
C GLN A 138 -5.00 26.87 21.74
N LEU A 139 -4.28 25.87 21.26
CA LEU A 139 -3.04 25.45 21.91
C LEU A 139 -1.94 26.46 21.72
N ARG A 140 -1.28 26.83 22.82
CA ARG A 140 -0.21 27.81 22.82
C ARG A 140 0.94 27.32 23.70
N ILE A 141 2.18 27.56 23.27
CA ILE A 141 3.35 27.20 24.06
C ILE A 141 4.44 28.24 23.84
N SER A 142 5.28 28.46 24.86
CA SER A 142 6.34 29.45 24.76
C SER A 142 7.68 28.81 24.43
N ALA A 143 8.65 29.66 24.09
CA ALA A 143 10.02 29.21 23.86
C ALA A 143 10.62 28.60 25.11
N VAL A 144 10.44 29.25 26.26
CA VAL A 144 10.87 28.70 27.54
C VAL A 144 10.27 27.32 27.78
N ASN A 145 8.96 27.17 27.55
CA ASN A 145 8.31 25.88 27.77
C ASN A 145 8.80 24.82 26.80
N GLN A 146 9.08 25.20 25.55
CA GLN A 146 9.68 24.27 24.59
C GLN A 146 11.00 23.73 25.11
N VAL A 147 11.87 24.60 25.60
CA VAL A 147 13.13 24.18 26.21
C VAL A 147 12.93 23.23 27.38
N GLU A 148 12.02 23.54 28.29
CA GLU A 148 11.75 22.68 29.43
C GLU A 148 11.27 21.30 28.99
N PHE A 149 10.33 21.27 28.05
CA PHE A 149 9.83 20.03 27.48
C PHE A 149 10.92 19.20 26.82
N LEU A 150 11.75 19.85 25.99
CA LEU A 150 12.81 19.15 25.27
C LEU A 150 13.90 18.65 26.22
N GLU A 151 14.20 19.43 27.26
CA GLU A 151 15.13 18.97 28.29
C GLU A 151 14.63 17.69 28.94
N SER A 152 13.36 17.68 29.34
CA SER A 152 12.73 16.48 29.90
C SER A 152 12.86 15.30 28.96
N LEU A 153 12.54 15.51 27.68
CA LEU A 153 12.73 14.47 26.68
C LEU A 153 14.18 13.99 26.63
N TYR A 154 15.13 14.92 26.57
CA TYR A 154 16.54 14.61 26.57
C TYR A 154 16.94 13.71 27.72
N LEU A 155 16.47 14.02 28.93
CA LEU A 155 16.78 13.25 30.12
C LEU A 155 15.90 12.04 30.35
N ASN A 156 14.96 11.76 29.45
CA ASN A 156 13.99 10.68 29.56
C ASN A 156 13.09 10.85 30.78
N LYS A 157 12.76 12.09 31.11
CA LYS A 157 11.97 12.39 32.30
C LYS A 157 10.52 12.71 31.99
N LEU A 158 10.13 12.68 30.71
CA LEU A 158 8.72 12.76 30.38
C LEU A 158 7.99 11.55 30.96
N SER A 159 6.68 11.69 31.20
CA SER A 159 5.88 10.55 31.65
C SER A 159 5.45 9.72 30.45
N ALA A 160 6.40 8.94 29.97
CA ALA A 160 6.31 8.05 28.84
C ALA A 160 7.46 7.06 29.02
N SER A 161 7.41 5.91 28.35
CA SER A 161 8.49 4.95 28.49
C SER A 161 9.79 5.56 27.99
N LYS A 162 10.92 5.10 28.54
CA LYS A 162 12.21 5.51 28.00
C LYS A 162 12.38 5.06 26.56
N GLU A 163 11.94 3.84 26.23
CA GLU A 163 11.94 3.36 24.86
C GLU A 163 11.30 4.36 23.90
N ASN A 164 10.08 4.79 24.22
CA ASN A 164 9.36 5.71 23.36
C ASN A 164 10.03 7.08 23.24
N GLN A 165 10.60 7.58 24.34
CA GLN A 165 11.36 8.82 24.28
C GLN A 165 12.60 8.67 23.41
N LEU A 166 13.31 7.56 23.53
CA LEU A 166 14.46 7.28 22.67
C LEU A 166 14.07 7.19 21.20
N ILE A 167 12.95 6.55 20.89
CA ILE A 167 12.47 6.47 19.52
C ILE A 167 12.27 7.86 18.91
N VAL A 168 11.57 8.74 19.63
CA VAL A 168 11.28 10.07 19.10
C VAL A 168 12.56 10.88 19.05
N LYS A 169 13.46 10.70 20.02
CA LYS A 169 14.76 11.37 19.94
C LYS A 169 15.51 11.02 18.66
N GLU A 170 15.60 9.75 18.27
CA GLU A 170 16.32 9.44 17.04
C GLU A 170 15.62 10.01 15.82
N ALA A 171 14.29 10.07 15.84
CA ALA A 171 13.52 10.70 14.78
C ALA A 171 13.79 12.18 14.61
N LEU A 172 14.29 12.85 15.64
CA LEU A 172 14.60 14.26 15.60
C LEU A 172 16.04 14.59 15.22
N VAL A 173 16.91 13.60 15.04
CA VAL A 173 18.29 13.92 14.61
C VAL A 173 18.28 14.62 13.26
N THR A 174 18.92 15.78 13.17
CA THR A 174 18.99 16.51 11.90
C THR A 174 20.43 16.79 11.47
N GLU A 175 21.38 16.63 12.39
CA GLU A 175 22.79 16.84 12.06
C GLU A 175 23.63 15.89 12.91
N ALA A 176 24.56 15.18 12.26
CA ALA A 176 25.33 14.15 12.97
C ALA A 176 26.81 14.19 12.60
N ALA A 177 27.64 14.23 13.62
CA ALA A 177 29.10 14.08 13.50
C ALA A 177 29.57 13.37 14.76
N PRO A 178 30.80 12.89 14.78
CA PRO A 178 31.29 12.09 15.90
C PRO A 178 31.10 12.77 17.24
N GLU A 179 31.46 14.05 17.35
CA GLU A 179 31.32 14.80 18.60
C GLU A 179 30.39 15.99 18.45
N TYR A 180 29.42 15.85 17.53
CA TYR A 180 28.45 16.92 17.33
C TYR A 180 27.13 16.35 16.82
N LEU A 181 26.07 16.56 17.57
CA LEU A 181 24.78 15.97 17.24
C LEU A 181 23.66 16.98 17.47
N VAL A 182 22.84 17.21 16.47
CA VAL A 182 21.71 18.13 16.61
C VAL A 182 20.39 17.38 16.50
N HIS A 183 19.52 17.61 17.46
CA HIS A 183 18.12 17.19 17.39
C HIS A 183 17.27 18.45 17.22
N SER A 184 16.39 18.49 16.21
CA SER A 184 15.64 19.72 16.02
C SER A 184 14.35 19.49 15.24
N LYS A 185 13.50 20.50 15.32
CA LYS A 185 12.19 20.46 14.68
C LYS A 185 11.73 21.88 14.35
N THR A 186 11.25 22.06 13.12
CA THR A 186 10.68 23.34 12.69
C THR A 186 9.18 23.40 12.90
N GLY A 187 8.64 24.61 12.87
CA GLY A 187 7.20 24.84 12.94
C GLY A 187 6.85 26.11 12.17
N PHE A 188 5.65 26.13 11.60
CA PHE A 188 5.18 27.26 10.80
C PHE A 188 3.66 27.22 10.73
N SER A 189 3.02 28.25 11.27
CA SER A 189 1.57 28.23 11.43
C SER A 189 0.86 28.83 10.22
N GLY A 190 1.61 29.44 9.33
CA GLY A 190 1.03 30.17 8.20
C GLY A 190 1.45 31.63 8.29
N VAL A 191 1.00 32.45 7.35
CA VAL A 191 1.42 33.85 7.34
C VAL A 191 0.40 34.77 8.01
N GLY A 192 -0.71 34.22 8.46
CA GLY A 192 -1.76 35.01 9.09
C GLY A 192 -2.05 36.25 8.26
N THR A 193 -2.12 37.41 8.92
CA THR A 193 -2.24 38.69 8.23
C THR A 193 -1.08 39.59 8.65
N GLU A 194 -1.04 40.81 8.13
CA GLU A 194 -0.04 41.78 8.59
C GLU A 194 -0.29 42.16 10.04
N SER A 195 -1.56 42.41 10.38
CA SER A 195 -1.96 42.75 11.73
C SER A 195 -1.87 41.59 12.71
N ASN A 196 -2.17 40.38 12.26
CA ASN A 196 -2.11 39.19 13.09
C ASN A 196 -1.28 38.10 12.44
N PRO A 197 0.03 38.28 12.47
CA PRO A 197 0.96 37.41 11.75
C PRO A 197 0.98 35.98 12.27
N GLY A 198 1.47 35.07 11.44
CA GLY A 198 1.67 33.69 11.86
C GLY A 198 2.92 33.60 12.72
N VAL A 199 3.28 32.38 13.10
CA VAL A 199 4.49 32.15 13.88
C VAL A 199 5.34 31.08 13.21
N ALA A 200 6.66 31.25 13.27
CA ALA A 200 7.58 30.22 12.79
C ALA A 200 8.50 29.79 13.93
N TRP A 201 8.85 28.51 13.98
CA TRP A 201 9.61 27.95 15.09
C TRP A 201 10.83 27.17 14.60
N TRP A 202 11.87 27.13 15.43
CA TRP A 202 12.90 26.11 15.33
C TRP A 202 13.32 25.75 16.75
N VAL A 203 13.11 24.51 17.16
CA VAL A 203 13.40 24.11 18.53
C VAL A 203 14.28 22.86 18.53
N GLY A 204 15.01 22.62 19.62
CA GLY A 204 15.77 21.37 19.70
C GLY A 204 16.92 21.48 20.70
N TRP A 205 17.94 20.65 20.48
CA TRP A 205 19.13 20.74 21.31
C TRP A 205 20.37 20.31 20.53
N VAL A 206 21.51 20.82 20.98
CA VAL A 206 22.79 20.49 20.37
C VAL A 206 23.70 19.83 21.40
N GLU A 207 24.27 18.70 21.01
CA GLU A 207 25.31 18.06 21.81
C GLU A 207 26.65 18.30 21.13
N LYS A 208 27.52 19.06 21.79
CA LYS A 208 28.85 19.34 21.29
C LYS A 208 29.87 18.80 22.31
N GLU A 209 30.67 17.84 21.89
CA GLU A 209 31.58 17.17 22.83
C GLU A 209 30.78 16.68 24.02
N THR A 210 31.06 17.12 25.24
CA THR A 210 30.32 16.61 26.40
C THR A 210 29.35 17.63 26.95
N GLU A 211 29.04 18.65 26.17
CA GLU A 211 28.09 19.68 26.58
C GLU A 211 26.79 19.56 25.79
N VAL A 212 25.71 20.02 26.42
CA VAL A 212 24.41 20.06 25.73
C VAL A 212 23.81 21.45 25.83
N TYR A 213 23.25 21.93 24.72
CA TYR A 213 22.59 23.23 24.69
C TYR A 213 21.16 23.05 24.21
N PHE A 214 20.20 23.49 25.00
CA PHE A 214 18.80 23.48 24.58
C PHE A 214 18.40 24.81 23.95
N PHE A 215 17.65 24.77 22.85
CA PHE A 215 17.29 26.03 22.19
C PHE A 215 15.84 26.03 21.72
N ALA A 216 15.27 27.23 21.67
CA ALA A 216 13.96 27.43 21.06
C ALA A 216 13.90 28.84 20.46
N PHE A 217 13.49 28.90 19.20
CA PHE A 217 13.33 30.16 18.50
C PHE A 217 11.90 30.23 17.96
N ASN A 218 11.29 31.39 18.08
CA ASN A 218 10.08 31.68 17.30
C ASN A 218 10.12 33.12 16.81
N MET A 219 9.34 33.39 15.78
CA MET A 219 9.27 34.73 15.20
C MET A 219 7.90 34.95 14.58
N ASP A 220 7.46 36.20 14.57
CA ASP A 220 6.27 36.55 13.78
C ASP A 220 6.63 36.45 12.31
N ILE A 221 5.72 35.95 11.49
CA ILE A 221 5.96 35.86 10.05
C ILE A 221 4.68 36.16 9.30
N ASP A 222 4.74 37.11 8.37
CA ASP A 222 3.58 37.43 7.55
C ASP A 222 3.93 37.28 6.06
N ASN A 223 5.15 36.82 5.83
CA ASN A 223 5.65 36.60 4.47
C ASN A 223 6.42 35.30 4.43
N GLU A 224 5.99 34.36 3.60
CA GLU A 224 6.60 33.03 3.58
C GLU A 224 8.04 33.05 3.10
N SER A 225 8.46 34.05 2.34
CA SER A 225 9.82 34.31 1.95
C SER A 225 10.81 34.39 3.10
N LYS A 226 10.38 34.85 4.27
CA LYS A 226 11.24 35.03 5.43
C LYS A 226 11.47 33.76 6.24
N LEU A 227 10.91 32.63 5.82
CA LEU A 227 10.89 31.42 6.61
C LEU A 227 12.23 30.86 7.03
N PRO A 228 13.26 30.88 6.18
CA PRO A 228 14.57 30.37 6.50
C PRO A 228 15.26 31.05 7.67
N LEU A 229 14.86 32.26 8.03
CA LEU A 229 15.35 32.94 9.21
C LEU A 229 15.08 32.20 10.50
N ARG A 230 14.07 31.34 10.57
CA ARG A 230 13.86 30.50 11.74
C ARG A 230 15.03 29.57 12.03
N LYS A 231 15.81 29.17 11.04
CA LYS A 231 17.05 28.44 11.29
C LYS A 231 18.28 29.33 11.22
N SER A 232 18.28 30.33 10.34
CA SER A 232 19.51 31.10 10.13
C SER A 232 19.80 32.03 11.30
N ILE A 233 18.78 32.64 11.89
CA ILE A 233 19.03 33.53 13.05
C ILE A 233 19.60 32.75 14.23
N PRO A 234 18.94 31.69 14.67
CA PRO A 234 19.44 30.85 15.75
C PRO A 234 20.82 30.27 15.48
N THR A 235 21.05 29.82 14.25
CA THR A 235 22.34 29.23 13.88
C THR A 235 23.44 30.28 13.99
N LYS A 236 23.20 31.47 13.47
CA LYS A 236 24.15 32.57 13.61
C LYS A 236 24.41 32.91 15.07
N ILE A 237 23.38 32.98 15.90
CA ILE A 237 23.59 33.21 17.33
C ILE A 237 24.43 32.11 17.95
N MET A 238 24.08 30.85 17.70
CA MET A 238 24.80 29.72 18.30
C MET A 238 26.23 29.62 17.79
N GLU A 239 26.46 29.90 16.52
CA GLU A 239 27.82 29.94 15.99
C GLU A 239 28.65 31.05 16.61
N SER A 240 28.06 32.21 16.90
CA SER A 240 28.75 33.30 17.55
C SER A 240 29.13 32.99 19.00
N GLU A 241 28.40 32.08 19.64
CA GLU A 241 28.71 31.59 20.97
C GLU A 241 29.65 30.38 20.96
N GLY A 242 30.01 29.88 19.79
CA GLY A 242 31.01 28.82 19.72
C GLY A 242 30.37 27.46 19.59
N ILE A 243 29.04 27.41 19.59
CA ILE A 243 28.29 26.20 19.35
C ILE A 243 28.37 25.91 17.84
N ILE A 244 29.49 25.25 17.63
CA ILE A 244 30.05 24.94 16.36
C ILE A 244 29.31 25.59 15.23
N ILE B 2 -1.57 -27.75 -30.01
CA ILE B 2 -1.96 -28.33 -28.69
C ILE B 2 -0.98 -29.40 -28.24
N THR B 3 -0.62 -29.38 -26.97
CA THR B 3 0.33 -30.32 -26.40
C THR B 3 -0.26 -31.13 -25.26
N GLU B 4 0.41 -32.18 -24.84
CA GLU B 4 -0.10 -33.02 -23.76
C GLU B 4 0.72 -32.88 -22.49
N ASN B 5 0.02 -32.61 -21.39
CA ASN B 5 0.62 -32.56 -20.07
C ASN B 5 0.08 -33.74 -19.26
N THR B 6 0.88 -34.80 -19.14
CA THR B 6 0.39 -36.05 -18.56
C THR B 6 0.40 -36.03 -17.04
N SER B 7 1.05 -35.03 -16.43
CA SER B 7 1.04 -34.85 -14.99
C SER B 7 -0.29 -34.34 -14.46
N TRP B 8 -1.13 -33.76 -15.32
CA TRP B 8 -2.48 -33.37 -14.95
C TRP B 8 -3.39 -34.56 -14.69
N ASN B 9 -3.09 -35.73 -15.24
CA ASN B 9 -3.83 -36.94 -15.00
C ASN B 9 -3.90 -37.36 -13.54
N LYS B 10 -2.95 -36.98 -12.71
CA LYS B 10 -2.98 -37.17 -11.27
C LYS B 10 -4.18 -36.57 -10.56
N GLU B 11 -4.80 -35.51 -11.07
CA GLU B 11 -5.98 -34.93 -10.47
C GLU B 11 -7.24 -35.77 -10.67
N PHE B 12 -7.22 -36.67 -11.65
CA PHE B 12 -8.34 -37.54 -11.97
C PHE B 12 -8.29 -38.85 -11.20
N SER B 13 -7.17 -39.13 -10.55
CA SER B 13 -6.86 -40.43 -9.98
C SER B 13 -7.65 -40.80 -8.75
N ALA B 14 -7.80 -39.89 -7.79
CA ALA B 14 -8.43 -40.20 -6.52
C ALA B 14 -9.87 -40.66 -6.67
N GLU B 15 -10.62 -40.04 -7.58
CA GLU B 15 -12.00 -40.41 -7.86
C GLU B 15 -12.14 -41.19 -9.15
N ALA B 16 -11.04 -41.70 -9.71
CA ALA B 16 -11.09 -42.56 -10.88
C ALA B 16 -11.95 -41.96 -11.99
N VAL B 17 -11.62 -40.72 -12.38
CA VAL B 17 -12.40 -40.01 -13.38
C VAL B 17 -11.78 -40.18 -14.77
N ASN B 18 -12.62 -40.58 -15.71
CA ASN B 18 -12.26 -40.57 -17.13
C ASN B 18 -12.73 -39.26 -17.74
N GLY B 19 -11.77 -38.38 -18.02
CA GLY B 19 -12.13 -37.06 -18.53
C GLY B 19 -10.97 -36.36 -19.21
N VAL B 20 -11.25 -35.16 -19.70
CA VAL B 20 -10.23 -34.36 -20.35
C VAL B 20 -10.34 -32.90 -19.90
N PHE B 21 -9.18 -32.28 -19.73
CA PHE B 21 -9.11 -30.84 -19.51
C PHE B 21 -8.27 -30.20 -20.62
N VAL B 22 -8.82 -29.21 -21.28
CA VAL B 22 -8.06 -28.42 -22.24
C VAL B 22 -7.89 -27.00 -21.70
N LEU B 23 -6.66 -26.50 -21.70
CA LEU B 23 -6.37 -25.17 -21.16
C LEU B 23 -5.46 -24.41 -22.13
N CYS B 24 -5.87 -23.20 -22.52
CA CYS B 24 -5.09 -22.43 -23.48
C CYS B 24 -4.77 -21.05 -22.93
N LYS B 25 -3.48 -20.70 -22.88
CA LYS B 25 -3.06 -19.38 -22.42
C LYS B 25 -2.97 -18.39 -23.57
N SER B 26 -3.67 -17.27 -23.49
CA SER B 26 -3.69 -16.19 -24.45
C SER B 26 -4.56 -16.45 -25.68
N SER B 27 -4.40 -17.59 -26.33
CA SER B 27 -5.19 -17.96 -27.50
C SER B 27 -5.19 -19.48 -27.67
N SER B 28 -5.91 -19.95 -28.67
CA SER B 28 -5.97 -21.37 -29.00
C SER B 28 -4.79 -21.88 -29.81
N LYS B 29 -3.79 -21.06 -30.08
CA LYS B 29 -2.51 -21.50 -30.61
C LYS B 29 -1.59 -22.02 -29.52
N SER B 30 -1.93 -21.82 -28.25
CA SER B 30 -1.14 -22.27 -27.13
C SER B 30 -1.98 -23.07 -26.14
N CYS B 31 -2.40 -24.27 -26.54
CA CYS B 31 -3.24 -25.12 -25.69
C CYS B 31 -2.48 -26.31 -25.12
N ALA B 32 -2.90 -26.76 -23.95
CA ALA B 32 -2.40 -27.99 -23.36
C ALA B 32 -3.56 -28.85 -22.85
N THR B 33 -3.34 -30.14 -22.75
CA THR B 33 -4.38 -31.06 -22.26
C THR B 33 -3.78 -32.26 -21.55
N ASN B 34 -4.58 -32.96 -20.74
CA ASN B 34 -4.11 -34.19 -20.11
C ASN B 34 -4.26 -35.37 -21.05
N ASP B 35 -5.10 -35.24 -22.06
CA ASP B 35 -5.40 -36.35 -22.97
C ASP B 35 -5.74 -35.85 -24.36
N LEU B 36 -4.77 -35.90 -25.26
CA LEU B 36 -4.95 -35.43 -26.63
C LEU B 36 -6.01 -36.18 -27.41
N ALA B 37 -6.17 -37.48 -27.17
CA ALA B 37 -7.19 -38.26 -27.83
C ALA B 37 -8.61 -37.82 -27.45
N ARG B 38 -8.83 -37.62 -26.14
CA ARG B 38 -10.17 -37.24 -25.67
C ARG B 38 -10.46 -35.78 -25.91
N ALA B 39 -9.43 -34.94 -26.04
CA ALA B 39 -9.60 -33.52 -26.30
C ALA B 39 -10.44 -33.21 -27.53
N SER B 40 -10.38 -34.01 -28.59
CA SER B 40 -11.22 -33.82 -29.75
C SER B 40 -12.39 -34.80 -29.84
N LYS B 41 -12.57 -35.67 -28.85
CA LYS B 41 -13.77 -36.50 -28.81
C LYS B 41 -15.01 -35.63 -28.60
N GLU B 42 -16.09 -35.92 -29.32
CA GLU B 42 -17.26 -35.05 -29.31
C GLU B 42 -18.40 -35.59 -28.47
N TYR B 43 -18.90 -34.76 -27.55
CA TYR B 43 -19.93 -35.19 -26.61
C TYR B 43 -21.14 -34.27 -26.66
N LEU B 44 -22.29 -34.77 -26.19
CA LEU B 44 -23.46 -33.92 -26.01
C LEU B 44 -23.08 -32.68 -25.21
N PRO B 45 -23.51 -31.51 -25.67
CA PRO B 45 -23.17 -30.27 -24.98
C PRO B 45 -23.98 -30.04 -23.73
N ALA B 46 -25.17 -30.63 -23.67
CA ALA B 46 -26.10 -30.39 -22.57
C ALA B 46 -26.25 -28.89 -22.32
N SER B 47 -26.20 -28.44 -21.06
CA SER B 47 -26.47 -27.04 -20.76
C SER B 47 -25.38 -26.10 -21.24
N THR B 48 -24.20 -26.57 -21.63
CA THR B 48 -23.24 -25.70 -22.30
C THR B 48 -23.76 -25.15 -23.61
N PHE B 49 -24.73 -25.79 -24.24
CA PHE B 49 -25.43 -25.28 -25.41
C PHE B 49 -26.22 -24.01 -25.18
N LYS B 50 -26.52 -23.62 -23.93
CA LYS B 50 -27.13 -22.34 -23.64
C LYS B 50 -26.29 -21.15 -24.12
N ILE B 51 -24.98 -21.30 -24.24
CA ILE B 51 -24.16 -20.20 -24.73
C ILE B 51 -24.52 -19.85 -26.17
N PRO B 52 -24.38 -20.78 -27.11
CA PRO B 52 -24.77 -20.55 -28.50
C PRO B 52 -26.25 -20.22 -28.62
N ASN B 53 -27.10 -20.95 -27.92
CA ASN B 53 -28.55 -20.74 -28.00
C ASN B 53 -28.95 -19.34 -27.56
N ALA B 54 -28.34 -18.82 -26.49
CA ALA B 54 -28.58 -17.45 -26.06
C ALA B 54 -28.16 -16.44 -27.13
N ILE B 55 -26.99 -16.62 -27.72
CA ILE B 55 -26.51 -15.72 -28.77
C ILE B 55 -27.46 -15.73 -29.96
N ILE B 56 -27.84 -16.93 -30.41
CA ILE B 56 -28.81 -17.07 -31.50
C ILE B 56 -30.15 -16.47 -31.15
N GLY B 57 -30.63 -16.69 -29.93
CA GLY B 57 -31.86 -16.10 -29.44
C GLY B 57 -31.85 -14.58 -29.57
N LEU B 58 -30.76 -13.95 -29.16
CA LEU B 58 -30.60 -12.51 -29.30
C LEU B 58 -30.52 -12.08 -30.75
N GLU B 59 -29.71 -12.76 -31.55
CA GLU B 59 -29.52 -12.42 -32.95
C GLU B 59 -30.82 -12.44 -33.76
N THR B 60 -31.63 -13.47 -33.54
CA THR B 60 -32.90 -13.64 -34.24
C THR B 60 -34.01 -12.75 -33.72
N GLY B 61 -33.86 -12.18 -32.52
CA GLY B 61 -34.87 -11.31 -31.95
C GLY B 61 -35.88 -12.07 -31.10
N VAL B 62 -35.67 -13.37 -30.97
CA VAL B 62 -36.45 -14.21 -30.06
C VAL B 62 -36.30 -13.71 -28.64
N ILE B 63 -35.06 -13.42 -28.24
CA ILE B 63 -34.78 -12.69 -27.01
C ILE B 63 -34.63 -11.21 -27.33
N LYS B 64 -35.44 -10.36 -26.72
CA LYS B 64 -35.53 -8.97 -27.10
C LYS B 64 -34.23 -8.20 -26.81
N ASN B 65 -33.76 -8.32 -25.58
CA ASN B 65 -32.50 -7.71 -25.19
C ASN B 65 -31.98 -8.37 -23.92
N GLU B 66 -30.96 -7.76 -23.31
CA GLU B 66 -30.31 -8.29 -22.12
C GLU B 66 -31.24 -8.31 -20.91
N HIS B 67 -32.27 -7.47 -20.87
CA HIS B 67 -33.14 -7.37 -19.71
C HIS B 67 -34.48 -8.06 -19.89
N GLN B 68 -34.65 -8.87 -20.92
CA GLN B 68 -35.89 -9.63 -21.05
C GLN B 68 -36.07 -10.55 -19.85
N VAL B 69 -37.30 -10.58 -19.33
CA VAL B 69 -37.63 -11.49 -18.23
C VAL B 69 -38.43 -12.68 -18.79
N PHE B 70 -37.95 -13.88 -18.47
CA PHE B 70 -38.66 -15.10 -18.84
C PHE B 70 -39.61 -15.47 -17.71
N LYS B 71 -40.89 -15.24 -17.95
CA LYS B 71 -41.90 -15.36 -16.91
C LYS B 71 -42.27 -16.82 -16.65
N TRP B 72 -42.40 -17.16 -15.38
CA TRP B 72 -42.89 -18.49 -15.01
C TRP B 72 -44.41 -18.49 -15.08
N ASP B 73 -44.96 -19.57 -15.63
CA ASP B 73 -46.41 -19.68 -15.78
C ASP B 73 -47.07 -20.28 -14.55
N GLY B 74 -46.29 -20.63 -13.54
CA GLY B 74 -46.83 -21.19 -12.31
C GLY B 74 -46.99 -22.70 -12.38
N LYS B 75 -46.51 -23.32 -13.45
CA LYS B 75 -46.67 -24.76 -13.62
C LYS B 75 -45.39 -25.48 -13.22
N PRO B 76 -45.51 -26.76 -12.87
CA PRO B 76 -44.38 -27.52 -12.36
C PRO B 76 -43.24 -27.60 -13.35
N ARG B 77 -42.02 -27.38 -12.85
CA ARG B 77 -40.81 -27.64 -13.64
C ARG B 77 -40.01 -28.76 -12.99
N ALA B 78 -39.05 -29.31 -13.72
CA ALA B 78 -38.29 -30.46 -13.27
C ALA B 78 -37.43 -30.15 -12.05
N MET B 79 -36.93 -28.92 -11.97
CA MET B 79 -36.23 -28.43 -10.79
C MET B 79 -36.97 -27.28 -10.14
N LYS B 80 -37.09 -27.30 -8.82
CA LYS B 80 -37.71 -26.24 -8.03
C LYS B 80 -37.02 -24.90 -8.22
N GLN B 81 -35.71 -24.91 -8.42
CA GLN B 81 -34.92 -23.73 -8.72
C GLN B 81 -35.30 -23.03 -10.01
N TRP B 82 -35.98 -23.68 -10.95
CA TRP B 82 -36.47 -23.07 -12.15
C TRP B 82 -37.89 -22.51 -12.04
N GLU B 83 -38.57 -22.74 -10.92
CA GLU B 83 -39.95 -22.30 -10.76
C GLU B 83 -40.02 -20.87 -10.24
N ARG B 84 -39.72 -19.94 -11.12
CA ARG B 84 -39.64 -18.51 -10.84
C ARG B 84 -39.35 -17.75 -12.12
N ASP B 85 -39.69 -16.46 -12.16
CA ASP B 85 -39.27 -15.62 -13.28
C ASP B 85 -37.74 -15.60 -13.30
N LEU B 86 -37.16 -15.58 -14.49
CA LEU B 86 -35.71 -15.56 -14.62
C LEU B 86 -35.27 -14.51 -15.63
N THR B 87 -34.13 -13.88 -15.37
CA THR B 87 -33.49 -13.07 -16.41
C THR B 87 -32.73 -13.97 -17.37
N LEU B 88 -32.18 -13.41 -18.43
CA LEU B 88 -31.33 -14.20 -19.32
C LEU B 88 -30.15 -14.78 -18.55
N ARG B 89 -29.43 -13.95 -17.79
CA ARG B 89 -28.34 -14.46 -16.97
C ARG B 89 -28.84 -15.50 -15.96
N GLY B 90 -29.95 -15.24 -15.28
CA GLY B 90 -30.47 -16.18 -14.30
C GLY B 90 -30.78 -17.53 -14.93
N ALA B 91 -31.45 -17.51 -16.09
CA ALA B 91 -31.81 -18.74 -16.79
C ALA B 91 -30.59 -19.56 -17.19
N ILE B 92 -29.52 -18.91 -17.63
CA ILE B 92 -28.26 -19.57 -17.97
C ILE B 92 -27.61 -20.13 -16.72
N GLN B 93 -27.51 -19.28 -15.68
CA GLN B 93 -26.79 -19.66 -14.47
C GLN B 93 -27.47 -20.74 -13.66
N VAL B 94 -28.80 -20.87 -13.68
CA VAL B 94 -29.45 -21.99 -13.01
C VAL B 94 -29.74 -23.13 -13.98
N SER B 95 -29.31 -22.99 -15.22
CA SER B 95 -29.46 -24.00 -16.25
C SER B 95 -30.92 -24.36 -16.46
N ALA B 96 -31.76 -23.33 -16.62
CA ALA B 96 -33.20 -23.51 -16.78
C ALA B 96 -33.52 -24.02 -18.18
N VAL B 97 -33.53 -25.36 -18.29
CA VAL B 97 -33.80 -26.04 -19.55
C VAL B 97 -35.06 -25.58 -20.26
N PRO B 98 -36.21 -25.52 -19.57
CA PRO B 98 -37.47 -25.14 -20.19
C PRO B 98 -37.46 -23.78 -20.86
N VAL B 99 -36.79 -22.79 -20.27
CA VAL B 99 -36.62 -21.50 -20.92
C VAL B 99 -35.96 -21.65 -22.27
N PHE B 100 -34.88 -22.44 -22.33
CA PHE B 100 -34.11 -22.55 -23.57
C PHE B 100 -34.73 -23.51 -24.56
N GLN B 101 -35.54 -24.46 -24.10
CA GLN B 101 -36.36 -25.25 -25.01
C GLN B 101 -37.29 -24.36 -25.82
N GLN B 102 -37.94 -23.40 -25.17
CA GLN B 102 -38.84 -22.47 -25.85
C GLN B 102 -38.10 -21.51 -26.76
N ILE B 103 -36.94 -21.01 -26.31
CA ILE B 103 -36.08 -20.23 -27.21
C ILE B 103 -35.78 -20.99 -28.49
N ALA B 104 -35.33 -22.23 -28.37
CA ALA B 104 -35.01 -23.05 -29.53
C ALA B 104 -36.21 -23.23 -30.46
N ARG B 105 -37.39 -23.51 -29.93
CA ARG B 105 -38.59 -23.65 -30.74
C ARG B 105 -38.87 -22.40 -31.56
N GLU B 106 -38.78 -21.23 -30.94
CA GLU B 106 -39.00 -19.96 -31.61
C GLU B 106 -37.89 -19.62 -32.59
N VAL B 107 -36.65 -19.99 -32.30
CA VAL B 107 -35.56 -19.87 -33.27
C VAL B 107 -35.89 -20.70 -34.50
N GLY B 108 -36.22 -21.97 -34.28
CA GLY B 108 -36.57 -22.86 -35.37
C GLY B 108 -35.34 -23.53 -35.98
N GLU B 109 -35.56 -24.70 -36.58
CA GLU B 109 -34.48 -25.51 -37.11
C GLU B 109 -33.63 -24.80 -38.17
N VAL B 110 -34.27 -24.10 -39.11
CA VAL B 110 -33.52 -23.47 -40.21
C VAL B 110 -32.51 -22.47 -39.67
N ARG B 111 -32.97 -21.56 -38.82
CA ARG B 111 -32.07 -20.56 -38.26
C ARG B 111 -31.04 -21.20 -37.33
N MET B 112 -31.46 -22.16 -36.51
CA MET B 112 -30.53 -22.87 -35.64
C MET B 112 -29.40 -23.53 -36.42
N GLN B 113 -29.73 -24.22 -37.52
CA GLN B 113 -28.74 -24.82 -38.39
C GLN B 113 -27.78 -23.77 -38.96
N LYS B 114 -28.34 -22.66 -39.45
CA LYS B 114 -27.55 -21.57 -40.01
C LYS B 114 -26.50 -21.06 -39.03
N TYR B 115 -26.91 -20.69 -37.83
CA TYR B 115 -25.98 -20.14 -36.84
C TYR B 115 -24.95 -21.15 -36.36
N LEU B 116 -25.32 -22.42 -36.21
CA LEU B 116 -24.33 -23.42 -35.81
C LEU B 116 -23.28 -23.66 -36.88
N LYS B 117 -23.64 -23.54 -38.16
CA LYS B 117 -22.63 -23.54 -39.22
C LYS B 117 -21.72 -22.32 -39.09
N LYS B 118 -22.31 -21.14 -38.90
CA LYS B 118 -21.54 -19.91 -38.74
C LYS B 118 -20.59 -19.98 -37.56
N PHE B 119 -21.04 -20.56 -36.44
CA PHE B 119 -20.20 -20.69 -35.27
C PHE B 119 -19.25 -21.88 -35.30
N SER B 120 -19.32 -22.72 -36.32
CA SER B 120 -18.57 -23.98 -36.37
C SER B 120 -18.76 -24.77 -35.08
N TYR B 121 -20.02 -25.00 -34.73
CA TYR B 121 -20.33 -25.58 -33.42
C TYR B 121 -20.44 -27.10 -33.49
N GLY B 122 -19.38 -27.80 -33.13
CA GLY B 122 -19.38 -29.25 -33.04
C GLY B 122 -19.65 -29.91 -34.38
N ASN B 123 -20.44 -30.99 -34.36
CA ASN B 123 -20.76 -31.70 -35.60
C ASN B 123 -21.91 -31.03 -36.33
N GLN B 124 -22.54 -30.03 -35.72
CA GLN B 124 -23.57 -29.21 -36.33
C GLN B 124 -24.81 -30.04 -36.67
N ASN B 125 -25.03 -31.09 -35.89
CA ASN B 125 -26.12 -32.04 -36.15
C ASN B 125 -27.21 -31.79 -35.11
N ILE B 126 -28.31 -31.18 -35.54
CA ILE B 126 -29.36 -30.81 -34.59
C ILE B 126 -30.56 -31.75 -34.70
N SER B 127 -30.35 -32.91 -35.32
CA SER B 127 -31.35 -33.97 -35.34
C SER B 127 -31.63 -34.45 -33.92
N GLY B 128 -32.88 -34.86 -33.68
CA GLY B 128 -33.24 -35.39 -32.37
C GLY B 128 -34.38 -34.59 -31.75
N GLY B 129 -34.78 -33.50 -32.41
CA GLY B 129 -35.89 -32.68 -31.93
C GLY B 129 -35.40 -31.29 -31.55
N ILE B 130 -36.17 -30.26 -31.90
CA ILE B 130 -35.71 -28.89 -31.78
C ILE B 130 -35.53 -28.47 -30.33
N ASP B 131 -36.27 -29.07 -29.40
CA ASP B 131 -36.18 -28.73 -27.99
C ASP B 131 -35.41 -29.76 -27.18
N LYS B 132 -34.62 -30.63 -27.81
CA LYS B 132 -33.85 -31.61 -27.07
C LYS B 132 -32.57 -32.04 -27.73
N PHE B 133 -32.15 -31.45 -28.86
CA PHE B 133 -31.04 -32.03 -29.64
C PHE B 133 -29.71 -31.94 -28.93
N TRP B 134 -29.52 -30.96 -28.06
CA TRP B 134 -28.34 -30.81 -27.24
C TRP B 134 -28.22 -31.78 -26.07
N LEU B 135 -29.29 -32.50 -25.75
CA LEU B 135 -29.33 -33.33 -24.55
C LEU B 135 -29.59 -34.79 -24.90
N GLU B 136 -30.44 -35.02 -25.89
CA GLU B 136 -30.84 -36.37 -26.25
C GLU B 136 -30.65 -36.65 -27.74
N GLY B 137 -30.32 -35.61 -28.51
CA GLY B 137 -30.19 -35.75 -29.94
C GLY B 137 -28.77 -36.07 -30.40
N GLN B 138 -28.43 -35.60 -31.60
CA GLN B 138 -27.22 -36.01 -32.29
C GLN B 138 -26.12 -34.96 -32.24
N LEU B 139 -26.37 -33.85 -31.55
CA LEU B 139 -25.37 -32.79 -31.47
C LEU B 139 -24.22 -33.21 -30.57
N ARG B 140 -23.00 -33.02 -31.06
CA ARG B 140 -21.79 -33.43 -30.35
C ARG B 140 -20.73 -32.35 -30.53
N ILE B 141 -20.00 -32.02 -29.47
CA ILE B 141 -18.92 -31.04 -29.55
C ILE B 141 -17.76 -31.46 -28.66
N SER B 142 -16.54 -31.16 -29.07
CA SER B 142 -15.37 -31.53 -28.30
C SER B 142 -14.92 -30.41 -27.36
N ALA B 143 -14.01 -30.74 -26.46
CA ALA B 143 -13.39 -29.76 -25.58
C ALA B 143 -12.56 -28.75 -26.36
N VAL B 144 -11.81 -29.22 -27.36
CA VAL B 144 -11.09 -28.30 -28.24
C VAL B 144 -12.03 -27.31 -28.93
N ASN B 145 -13.14 -27.80 -29.46
CA ASN B 145 -14.10 -26.96 -30.17
C ASN B 145 -14.79 -25.98 -29.23
N GLN B 146 -15.05 -26.39 -27.98
CA GLN B 146 -15.57 -25.47 -26.98
C GLN B 146 -14.62 -24.31 -26.75
N VAL B 147 -13.32 -24.59 -26.57
CA VAL B 147 -12.33 -23.54 -26.38
C VAL B 147 -12.28 -22.60 -27.58
N GLU B 148 -12.26 -23.14 -28.79
CA GLU B 148 -12.28 -22.34 -30.01
C GLU B 148 -13.50 -21.44 -30.09
N PHE B 149 -14.68 -22.00 -29.81
CA PHE B 149 -15.93 -21.27 -29.78
C PHE B 149 -15.91 -20.16 -28.73
N LEU B 150 -15.43 -20.49 -27.53
CA LEU B 150 -15.39 -19.53 -26.44
C LEU B 150 -14.38 -18.42 -26.70
N GLU B 151 -13.24 -18.77 -27.30
CA GLU B 151 -12.28 -17.75 -27.72
C GLU B 151 -12.89 -16.78 -28.71
N SER B 152 -13.61 -17.27 -29.71
CA SER B 152 -14.30 -16.38 -30.65
C SER B 152 -15.26 -15.45 -29.93
N LEU B 153 -16.08 -15.99 -29.03
CA LEU B 153 -16.98 -15.17 -28.23
C LEU B 153 -16.24 -14.09 -27.44
N TYR B 154 -15.19 -14.46 -26.73
CA TYR B 154 -14.36 -13.53 -25.97
C TYR B 154 -13.83 -12.40 -26.85
N LEU B 155 -13.39 -12.72 -28.06
CA LEU B 155 -12.85 -11.75 -28.98
C LEU B 155 -13.90 -11.03 -29.80
N ASN B 156 -15.17 -11.36 -29.62
CA ASN B 156 -16.29 -10.81 -30.37
C ASN B 156 -16.22 -11.16 -31.86
N LYS B 157 -15.74 -12.36 -32.15
CA LYS B 157 -15.50 -12.77 -33.53
C LYS B 157 -16.55 -13.74 -34.06
N LEU B 158 -17.54 -14.11 -33.25
CA LEU B 158 -18.64 -14.89 -33.77
C LEU B 158 -19.46 -14.08 -34.77
N SER B 159 -20.19 -14.76 -35.65
CA SER B 159 -21.09 -14.10 -36.58
C SER B 159 -22.39 -13.69 -35.89
N ALA B 160 -22.32 -12.60 -35.14
CA ALA B 160 -23.37 -12.06 -34.32
C ALA B 160 -22.93 -10.64 -33.93
N SER B 161 -23.86 -9.77 -33.57
CA SER B 161 -23.46 -8.42 -33.20
C SER B 161 -22.50 -8.48 -32.02
N LYS B 162 -21.64 -7.46 -31.88
CA LYS B 162 -20.79 -7.41 -30.69
C LYS B 162 -21.64 -7.17 -29.45
N GLU B 163 -22.68 -6.35 -29.55
CA GLU B 163 -23.64 -6.18 -28.47
C GLU B 163 -24.13 -7.52 -27.92
N ASN B 164 -24.62 -8.41 -28.78
CA ASN B 164 -25.19 -9.67 -28.32
C ASN B 164 -24.14 -10.57 -27.71
N GLN B 165 -22.92 -10.56 -28.25
CA GLN B 165 -21.81 -11.31 -27.67
C GLN B 165 -21.45 -10.77 -26.29
N LEU B 166 -21.45 -9.45 -26.15
CA LEU B 166 -21.19 -8.83 -24.85
C LEU B 166 -22.27 -9.16 -23.83
N ILE B 167 -23.53 -9.15 -24.25
CA ILE B 167 -24.64 -9.53 -23.38
C ILE B 167 -24.47 -10.93 -22.84
N VAL B 168 -24.18 -11.89 -23.71
CA VAL B 168 -24.00 -13.27 -23.28
C VAL B 168 -22.76 -13.42 -22.42
N LYS B 169 -21.68 -12.68 -22.71
CA LYS B 169 -20.50 -12.73 -21.85
C LYS B 169 -20.80 -12.30 -20.43
N GLU B 170 -21.54 -11.21 -20.22
CA GLU B 170 -21.81 -10.80 -18.84
C GLU B 170 -22.70 -11.82 -18.13
N ALA B 171 -23.59 -12.49 -18.86
CA ALA B 171 -24.40 -13.57 -18.34
C ALA B 171 -23.60 -14.78 -17.88
N LEU B 172 -22.38 -14.95 -18.37
CA LEU B 172 -21.51 -16.05 -18.03
C LEU B 172 -20.55 -15.76 -16.88
N VAL B 173 -20.55 -14.53 -16.36
CA VAL B 173 -19.67 -14.26 -15.22
C VAL B 173 -20.04 -15.11 -14.02
N THR B 174 -19.08 -15.81 -13.43
CA THR B 174 -19.37 -16.66 -12.28
C THR B 174 -18.47 -16.36 -11.09
N GLU B 175 -17.37 -15.64 -11.31
CA GLU B 175 -16.51 -15.24 -10.21
C GLU B 175 -15.88 -13.88 -10.52
N ALA B 176 -15.92 -12.96 -9.56
CA ALA B 176 -15.45 -11.60 -9.81
C ALA B 176 -14.58 -11.05 -8.70
N ALA B 177 -13.44 -10.50 -9.10
CA ALA B 177 -12.54 -9.73 -8.24
C ALA B 177 -11.85 -8.70 -9.12
N PRO B 178 -11.16 -7.73 -8.52
CA PRO B 178 -10.60 -6.62 -9.27
C PRO B 178 -9.69 -7.05 -10.41
N GLU B 179 -8.78 -7.98 -10.16
CA GLU B 179 -7.89 -8.48 -11.21
C GLU B 179 -8.10 -9.96 -11.47
N TYR B 180 -9.33 -10.43 -11.24
CA TYR B 180 -9.63 -11.84 -11.49
C TYR B 180 -11.10 -12.01 -11.86
N LEU B 181 -11.35 -12.48 -13.08
CA LEU B 181 -12.73 -12.62 -13.54
C LEU B 181 -12.90 -13.98 -14.22
N VAL B 182 -13.92 -14.74 -13.83
CA VAL B 182 -14.17 -16.04 -14.44
C VAL B 182 -15.51 -16.01 -15.18
N HIS B 183 -15.51 -16.44 -16.43
CA HIS B 183 -16.73 -16.71 -17.17
C HIS B 183 -16.84 -18.23 -17.35
N SER B 184 -17.97 -18.83 -16.98
CA SER B 184 -18.02 -20.29 -17.06
C SER B 184 -19.44 -20.81 -17.21
N LYS B 185 -19.52 -22.04 -17.68
CA LYS B 185 -20.81 -22.72 -17.80
C LYS B 185 -20.65 -24.22 -17.57
N THR B 186 -21.59 -24.81 -16.83
CA THR B 186 -21.59 -26.24 -16.60
C THR B 186 -22.53 -26.94 -17.57
N GLY B 187 -22.34 -28.25 -17.72
CA GLY B 187 -23.25 -29.08 -18.52
C GLY B 187 -23.27 -30.49 -17.94
N PHE B 188 -24.41 -31.17 -18.07
CA PHE B 188 -24.59 -32.51 -17.53
C PHE B 188 -25.70 -33.21 -18.30
N SER B 189 -25.34 -34.29 -19.00
CA SER B 189 -26.30 -34.90 -19.93
C SER B 189 -27.16 -35.94 -19.23
N GLY B 190 -26.87 -36.25 -17.98
CA GLY B 190 -27.55 -37.34 -17.27
C GLY B 190 -26.54 -38.42 -16.93
N VAL B 191 -26.97 -39.51 -16.28
CA VAL B 191 -26.03 -40.52 -15.82
C VAL B 191 -25.90 -41.68 -16.80
N GLY B 192 -26.69 -41.67 -17.87
CA GLY B 192 -26.65 -42.73 -18.86
C GLY B 192 -26.71 -44.09 -18.18
N THR B 193 -25.86 -45.01 -18.61
CA THR B 193 -25.69 -46.30 -17.97
C THR B 193 -24.24 -46.50 -17.55
N GLU B 194 -23.91 -47.65 -16.98
CA GLU B 194 -22.51 -47.96 -16.68
C GLU B 194 -21.70 -48.16 -17.96
N SER B 195 -22.28 -48.87 -18.92
CA SER B 195 -21.63 -49.12 -20.20
C SER B 195 -21.61 -47.89 -21.09
N ASN B 196 -22.67 -47.09 -21.05
CA ASN B 196 -22.76 -45.86 -21.83
C ASN B 196 -23.06 -44.65 -20.93
N PRO B 197 -22.03 -44.18 -20.24
CA PRO B 197 -22.19 -43.11 -19.26
C PRO B 197 -22.62 -41.80 -19.88
N GLY B 198 -23.15 -40.89 -19.05
CA GLY B 198 -23.40 -39.53 -19.49
C GLY B 198 -22.11 -38.73 -19.48
N VAL B 199 -22.22 -37.44 -19.79
CA VAL B 199 -21.05 -36.56 -19.79
C VAL B 199 -21.34 -35.34 -18.91
N ALA B 200 -20.32 -34.85 -18.23
CA ALA B 200 -20.44 -33.60 -17.48
C ALA B 200 -19.37 -32.62 -17.97
N TRP B 201 -19.72 -31.36 -18.03
CA TRP B 201 -18.84 -30.32 -18.55
C TRP B 201 -18.61 -29.18 -17.55
N TRP B 202 -17.46 -28.52 -17.70
CA TRP B 202 -17.32 -27.16 -17.19
C TRP B 202 -16.44 -26.42 -18.20
N VAL B 203 -16.94 -25.36 -18.81
CA VAL B 203 -16.21 -24.64 -19.84
C VAL B 203 -16.18 -23.14 -19.53
N GLY B 204 -15.18 -22.42 -20.04
CA GLY B 204 -15.23 -20.96 -19.89
C GLY B 204 -13.86 -20.34 -20.15
N TRP B 205 -13.63 -19.19 -19.51
CA TRP B 205 -12.29 -18.59 -19.55
C TRP B 205 -12.03 -17.83 -18.25
N VAL B 206 -10.76 -17.74 -17.91
CA VAL B 206 -10.33 -17.00 -16.72
C VAL B 206 -9.46 -15.82 -17.16
N GLU B 207 -9.82 -14.64 -16.67
CA GLU B 207 -8.95 -13.47 -16.86
C GLU B 207 -8.25 -13.19 -15.53
N LYS B 208 -6.94 -13.34 -15.51
CA LYS B 208 -6.14 -13.04 -14.33
C LYS B 208 -5.13 -11.95 -14.68
N GLU B 209 -5.21 -10.82 -13.98
CA GLU B 209 -4.35 -9.69 -14.33
C GLU B 209 -4.51 -9.39 -15.81
N THR B 210 -3.46 -9.43 -16.62
CA THR B 210 -3.59 -9.10 -18.03
C THR B 210 -3.53 -10.33 -18.93
N GLU B 211 -3.66 -11.52 -18.35
CA GLU B 211 -3.67 -12.74 -19.14
C GLU B 211 -5.08 -13.32 -19.21
N VAL B 212 -5.34 -14.06 -20.29
CA VAL B 212 -6.61 -14.78 -20.41
C VAL B 212 -6.31 -16.26 -20.65
N TYR B 213 -7.09 -17.13 -20.01
CA TYR B 213 -6.93 -18.57 -20.12
C TYR B 213 -8.27 -19.19 -20.54
N PHE B 214 -8.32 -19.85 -21.68
CA PHE B 214 -9.56 -20.50 -22.10
C PHE B 214 -9.54 -21.95 -21.65
N PHE B 215 -10.68 -22.49 -21.23
CA PHE B 215 -10.67 -23.87 -20.74
C PHE B 215 -11.94 -24.62 -21.09
N ALA B 216 -11.79 -25.93 -21.25
CA ALA B 216 -12.94 -26.82 -21.34
C ALA B 216 -12.62 -28.15 -20.65
N PHE B 217 -13.53 -28.58 -19.80
CA PHE B 217 -13.41 -29.85 -19.11
C PHE B 217 -14.63 -30.72 -19.41
N ASN B 218 -14.41 -32.00 -19.69
CA ASN B 218 -15.53 -32.93 -19.66
C ASN B 218 -15.09 -34.24 -19.01
N MET B 219 -16.08 -35.01 -18.57
CA MET B 219 -15.81 -36.28 -17.91
C MET B 219 -16.98 -37.23 -18.15
N ASP B 220 -16.65 -38.53 -18.18
CA ASP B 220 -17.69 -39.54 -18.13
C ASP B 220 -18.35 -39.52 -16.75
N ILE B 221 -19.68 -39.64 -16.76
CA ILE B 221 -20.40 -39.67 -15.48
C ILE B 221 -21.57 -40.64 -15.53
N ASP B 222 -21.58 -41.56 -14.56
CA ASP B 222 -22.68 -42.51 -14.42
C ASP B 222 -23.32 -42.42 -13.04
N ASN B 223 -22.88 -41.47 -12.23
CA ASN B 223 -23.48 -41.27 -10.91
C ASN B 223 -23.52 -39.78 -10.60
N GLU B 224 -24.69 -39.27 -10.22
CA GLU B 224 -24.85 -37.86 -9.91
C GLU B 224 -24.01 -37.37 -8.74
N SER B 225 -23.58 -38.26 -7.85
CA SER B 225 -22.73 -37.91 -6.73
C SER B 225 -21.34 -37.42 -7.16
N LYS B 226 -20.87 -37.81 -8.33
CA LYS B 226 -19.58 -37.40 -8.85
C LYS B 226 -19.57 -36.03 -9.53
N LEU B 227 -20.73 -35.39 -9.59
CA LEU B 227 -20.94 -34.15 -10.32
C LEU B 227 -19.99 -33.02 -10.00
N PRO B 228 -19.67 -32.72 -8.74
CA PRO B 228 -18.84 -31.60 -8.38
C PRO B 228 -17.41 -31.68 -8.90
N LEU B 229 -16.93 -32.88 -9.25
CA LEU B 229 -15.64 -33.12 -9.86
C LEU B 229 -15.45 -32.40 -11.18
N ARG B 230 -16.53 -32.06 -11.90
CA ARG B 230 -16.45 -31.28 -13.12
C ARG B 230 -15.90 -29.88 -12.86
N LYS B 231 -16.05 -29.35 -11.65
CA LYS B 231 -15.40 -28.09 -11.31
C LYS B 231 -14.11 -28.30 -10.53
N SER B 232 -14.08 -29.27 -9.62
CA SER B 232 -12.93 -29.39 -8.73
C SER B 232 -11.67 -29.87 -9.44
N ILE B 233 -11.78 -30.82 -10.37
CA ILE B 233 -10.60 -31.29 -11.09
C ILE B 233 -9.94 -30.18 -11.89
N PRO B 234 -10.69 -29.48 -12.74
CA PRO B 234 -10.14 -28.38 -13.52
C PRO B 234 -9.66 -27.22 -12.67
N THR B 235 -10.35 -26.95 -11.57
CA THR B 235 -9.91 -25.87 -10.68
C THR B 235 -8.56 -26.23 -10.06
N LYS B 236 -8.41 -27.46 -9.58
CA LYS B 236 -7.13 -27.90 -9.04
C LYS B 236 -6.02 -27.86 -10.08
N ILE B 237 -6.29 -28.29 -11.31
CA ILE B 237 -5.31 -28.15 -12.39
C ILE B 237 -4.91 -26.69 -12.59
N MET B 238 -5.88 -25.79 -12.71
CA MET B 238 -5.58 -24.38 -12.95
C MET B 238 -4.85 -23.75 -11.79
N GLU B 239 -5.20 -24.11 -10.56
CA GLU B 239 -4.49 -23.62 -9.37
C GLU B 239 -3.06 -24.13 -9.29
N SER B 240 -2.78 -25.34 -9.78
CA SER B 240 -1.43 -25.86 -9.84
C SER B 240 -0.56 -25.10 -10.83
N GLU B 241 -1.18 -24.50 -11.84
CA GLU B 241 -0.49 -23.73 -12.86
C GLU B 241 -0.39 -22.24 -12.51
N GLY B 242 -0.96 -21.84 -11.39
CA GLY B 242 -0.85 -20.47 -10.91
C GLY B 242 -2.08 -19.63 -11.24
N ILE B 243 -3.00 -20.20 -12.02
CA ILE B 243 -4.24 -19.52 -12.33
C ILE B 243 -5.11 -19.53 -11.05
N ILE B 244 -5.08 -18.35 -10.48
CA ILE B 244 -5.66 -18.18 -9.16
C ILE B 244 -5.28 -16.81 -8.64
N ILE C 2 21.42 -15.84 -0.21
CA ILE C 2 22.43 -14.84 -0.64
C ILE C 2 22.91 -15.14 -2.06
N THR C 3 22.87 -14.13 -2.92
CA THR C 3 23.26 -14.30 -4.30
C THR C 3 24.62 -13.63 -4.56
N GLU C 4 25.34 -14.12 -5.55
CA GLU C 4 26.62 -13.53 -5.90
C GLU C 4 26.44 -12.54 -7.05
N ASN C 5 27.00 -11.34 -6.88
CA ASN C 5 27.04 -10.35 -7.93
C ASN C 5 28.49 -10.01 -8.25
N THR C 6 29.06 -10.74 -9.20
CA THR C 6 30.45 -10.61 -9.58
C THR C 6 30.75 -9.33 -10.34
N SER C 7 29.74 -8.61 -10.82
CA SER C 7 29.95 -7.33 -11.49
C SER C 7 30.47 -6.26 -10.53
N TRP C 8 30.32 -6.45 -9.23
CA TRP C 8 30.91 -5.57 -8.24
C TRP C 8 32.42 -5.73 -8.09
N ASN C 9 33.02 -6.82 -8.55
CA ASN C 9 34.45 -7.04 -8.38
C ASN C 9 35.32 -5.95 -9.01
N LYS C 10 34.88 -5.32 -10.10
CA LYS C 10 35.62 -4.23 -10.72
C LYS C 10 35.88 -3.05 -9.80
N GLU C 11 35.01 -2.78 -8.82
CA GLU C 11 35.22 -1.76 -7.82
C GLU C 11 36.36 -2.08 -6.86
N PHE C 12 36.62 -3.36 -6.63
CA PHE C 12 37.74 -3.79 -5.81
C PHE C 12 39.03 -3.82 -6.62
N SER C 13 38.97 -4.41 -7.82
CA SER C 13 40.17 -4.54 -8.64
C SER C 13 40.71 -3.19 -9.07
N ALA C 14 39.85 -2.21 -9.31
CA ALA C 14 40.27 -0.87 -9.70
C ALA C 14 41.20 -0.23 -8.68
N GLU C 15 41.02 -0.54 -7.42
CA GLU C 15 41.88 -0.05 -6.33
C GLU C 15 42.89 -1.09 -5.88
N ALA C 16 42.98 -2.22 -6.58
CA ALA C 16 43.89 -3.30 -6.27
C ALA C 16 43.75 -3.82 -4.85
N VAL C 17 42.51 -3.99 -4.39
CA VAL C 17 42.26 -4.51 -3.05
C VAL C 17 41.47 -5.81 -3.11
N ASN C 18 41.71 -6.64 -2.11
CA ASN C 18 40.93 -7.85 -1.89
C ASN C 18 39.91 -7.60 -0.79
N GLY C 19 38.62 -7.81 -1.10
CA GLY C 19 37.60 -7.61 -0.08
C GLY C 19 36.25 -8.18 -0.48
N VAL C 20 35.29 -7.87 0.38
CA VAL C 20 33.92 -8.35 0.19
C VAL C 20 32.92 -7.29 0.62
N PHE C 21 31.84 -7.17 -0.13
CA PHE C 21 30.70 -6.36 0.24
C PHE C 21 29.45 -7.24 0.28
N VAL C 22 28.71 -7.15 1.37
CA VAL C 22 27.41 -7.80 1.50
C VAL C 22 26.33 -6.75 1.67
N LEU C 23 25.30 -6.82 0.83
CA LEU C 23 24.23 -5.83 0.82
C LEU C 23 22.87 -6.53 0.80
N CYS C 24 22.00 -6.18 1.74
CA CYS C 24 20.73 -6.88 1.88
C CYS C 24 19.59 -5.87 1.88
N LYS C 25 18.62 -6.06 1.01
CA LYS C 25 17.43 -5.22 0.97
C LYS C 25 16.33 -5.80 1.85
N SER C 26 15.82 -5.04 2.79
CA SER C 26 14.71 -5.39 3.66
C SER C 26 15.09 -6.31 4.82
N SER C 27 15.74 -7.41 4.53
CA SER C 27 16.17 -8.38 5.54
C SER C 27 17.38 -9.16 5.03
N SER C 28 17.91 -10.02 5.89
CA SER C 28 19.04 -10.87 5.57
C SER C 28 18.66 -12.11 4.78
N LYS C 29 17.40 -12.24 4.38
CA LYS C 29 16.95 -13.25 3.45
C LYS C 29 17.07 -12.79 2.00
N SER C 30 17.41 -11.53 1.77
CA SER C 30 17.59 -10.99 0.43
C SER C 30 18.93 -10.28 0.29
N CYS C 31 20.02 -11.04 0.36
CA CYS C 31 21.36 -10.46 0.31
C CYS C 31 22.06 -10.74 -1.01
N ALA C 32 22.98 -9.84 -1.36
CA ALA C 32 23.88 -10.06 -2.50
C ALA C 32 25.31 -9.72 -2.06
N THR C 33 26.28 -10.36 -2.70
CA THR C 33 27.68 -10.11 -2.38
C THR C 33 28.54 -10.27 -3.62
N ASN C 34 29.69 -9.60 -3.69
CA ASN C 34 30.62 -9.81 -4.80
C ASN C 34 31.32 -11.16 -4.72
N ASP C 35 31.40 -11.76 -3.54
CA ASP C 35 32.21 -12.95 -3.33
C ASP C 35 31.59 -13.81 -2.23
N LEU C 36 30.90 -14.88 -2.61
CA LEU C 36 30.23 -15.74 -1.65
C LEU C 36 31.21 -16.36 -0.65
N ALA C 37 32.37 -16.79 -1.13
CA ALA C 37 33.38 -17.39 -0.27
C ALA C 37 33.86 -16.40 0.79
N ARG C 38 34.24 -15.20 0.36
CA ARG C 38 34.77 -14.23 1.33
C ARG C 38 33.68 -13.71 2.24
N ALA C 39 32.43 -13.61 1.77
CA ALA C 39 31.31 -13.16 2.58
C ALA C 39 31.12 -13.97 3.85
N SER C 40 31.43 -15.26 3.85
CA SER C 40 31.33 -16.09 5.03
C SER C 40 32.67 -16.34 5.73
N LYS C 41 33.78 -15.85 5.20
CA LYS C 41 35.05 -15.96 5.94
C LYS C 41 35.06 -15.03 7.14
N GLU C 42 35.73 -15.45 8.21
CA GLU C 42 35.66 -14.72 9.47
C GLU C 42 36.92 -13.93 9.75
N TYR C 43 36.77 -12.65 10.05
CA TYR C 43 37.88 -11.73 10.29
C TYR C 43 37.78 -11.08 11.66
N LEU C 44 38.93 -10.65 12.19
CA LEU C 44 38.92 -9.81 13.39
C LEU C 44 37.90 -8.68 13.23
N PRO C 45 37.04 -8.51 14.22
CA PRO C 45 36.04 -7.46 14.19
C PRO C 45 36.70 -6.09 14.41
N ALA C 46 37.81 -6.07 15.15
CA ALA C 46 38.46 -4.80 15.45
C ALA C 46 37.42 -3.81 15.94
N SER C 47 37.42 -2.57 15.45
CA SER C 47 36.58 -1.51 15.99
C SER C 47 35.10 -1.68 15.68
N THR C 48 34.68 -2.63 14.84
CA THR C 48 33.27 -2.99 14.79
C THR C 48 32.80 -3.68 16.05
N PHE C 49 33.71 -4.21 16.87
CA PHE C 49 33.37 -4.77 18.17
C PHE C 49 32.86 -3.73 19.16
N LYS C 50 33.06 -2.43 18.94
CA LYS C 50 32.45 -1.41 19.79
C LYS C 50 30.93 -1.53 19.86
N ILE C 51 30.26 -2.02 18.83
CA ILE C 51 28.83 -2.25 18.90
C ILE C 51 28.42 -3.22 20.00
N PRO C 52 28.84 -4.47 19.94
CA PRO C 52 28.51 -5.44 20.98
C PRO C 52 29.09 -5.06 22.33
N ASN C 53 30.30 -4.50 22.36
CA ASN C 53 30.93 -4.11 23.61
C ASN C 53 30.13 -3.02 24.31
N ALA C 54 29.61 -2.04 23.57
CA ALA C 54 28.78 -0.99 24.15
C ALA C 54 27.46 -1.56 24.69
N ILE C 55 26.81 -2.42 23.91
CA ILE C 55 25.57 -3.05 24.34
C ILE C 55 25.76 -3.84 25.63
N ILE C 56 26.81 -4.66 25.65
CA ILE C 56 27.14 -5.46 26.82
C ILE C 56 27.52 -4.59 28.01
N GLY C 57 28.28 -3.53 27.77
CA GLY C 57 28.55 -2.53 28.80
C GLY C 57 27.28 -1.99 29.45
N LEU C 58 26.31 -1.58 28.63
CA LEU C 58 25.02 -1.11 29.13
C LEU C 58 24.23 -2.21 29.83
N GLU C 59 24.18 -3.40 29.27
CA GLU C 59 23.39 -4.50 29.83
C GLU C 59 23.86 -4.91 31.23
N THR C 60 25.17 -4.92 31.42
CA THR C 60 25.77 -5.35 32.67
C THR C 60 25.82 -4.25 33.72
N GLY C 61 25.59 -3.01 33.33
CA GLY C 61 25.63 -1.89 34.26
C GLY C 61 27.01 -1.22 34.30
N VAL C 62 27.96 -1.75 33.53
CA VAL C 62 29.29 -1.17 33.43
C VAL C 62 29.21 0.25 32.86
N ILE C 63 28.40 0.43 31.83
CA ILE C 63 27.98 1.75 31.37
C ILE C 63 26.64 2.12 31.99
N LYS C 64 26.57 3.25 32.70
CA LYS C 64 25.38 3.58 33.46
C LYS C 64 24.17 3.86 32.59
N ASN C 65 24.32 4.73 31.60
CA ASN C 65 23.24 5.02 30.65
C ASN C 65 23.79 5.79 29.46
N GLU C 66 22.88 6.32 28.65
CA GLU C 66 23.22 7.06 27.45
C GLU C 66 23.98 8.36 27.71
N HIS C 67 23.81 8.97 28.87
CA HIS C 67 24.45 10.23 29.20
C HIS C 67 25.71 10.09 30.04
N GLN C 68 26.21 8.88 30.21
CA GLN C 68 27.49 8.73 30.91
C GLN C 68 28.60 9.43 30.13
N VAL C 69 29.43 10.18 30.85
CA VAL C 69 30.62 10.78 30.25
C VAL C 69 31.85 9.99 30.67
N PHE C 70 32.66 9.60 29.69
CA PHE C 70 33.93 8.93 29.97
C PHE C 70 35.01 9.99 30.11
N LYS C 71 35.42 10.23 31.35
CA LYS C 71 36.38 11.28 31.64
C LYS C 71 37.81 10.78 31.54
N TRP C 72 38.66 11.61 30.96
CA TRP C 72 40.10 11.33 30.97
C TRP C 72 40.67 11.69 32.34
N ASP C 73 41.43 10.76 32.91
CA ASP C 73 42.13 11.04 34.15
C ASP C 73 43.35 11.93 33.92
N ARG C 77 49.03 8.70 27.42
CA ARG C 77 48.50 8.33 26.11
C ARG C 77 49.36 8.94 25.00
N ALA C 78 49.62 8.12 23.99
CA ALA C 78 50.38 8.58 22.82
C ALA C 78 49.44 9.02 21.70
N MET C 79 48.15 9.05 21.99
CA MET C 79 47.16 9.68 21.12
C MET C 79 46.55 10.88 21.85
N LYS C 80 46.41 12.00 21.13
CA LYS C 80 45.67 13.15 21.65
C LYS C 80 44.21 12.77 21.85
N GLN C 81 43.67 12.02 20.91
CA GLN C 81 42.41 11.31 21.02
C GLN C 81 42.03 10.82 22.41
N TRP C 82 42.93 10.15 23.12
CA TRP C 82 42.58 9.46 24.35
C TRP C 82 42.73 10.35 25.59
N GLU C 83 42.97 11.64 25.39
CA GLU C 83 43.04 12.61 26.47
C GLU C 83 41.86 13.59 26.45
N ARG C 84 40.72 13.17 25.95
CA ARG C 84 39.54 14.03 25.95
C ARG C 84 38.38 13.37 26.70
N ASP C 85 37.46 14.17 27.22
CA ASP C 85 36.23 13.62 27.79
C ASP C 85 35.30 13.25 26.63
N LEU C 86 34.63 12.11 26.73
CA LEU C 86 33.78 11.64 25.64
C LEU C 86 32.41 11.19 26.17
N THR C 87 31.38 11.47 25.38
CA THR C 87 30.08 10.82 25.63
C THR C 87 30.14 9.39 25.10
N LEU C 88 29.07 8.62 25.32
CA LEU C 88 29.03 7.25 24.80
C LEU C 88 29.06 7.29 23.27
N ARG C 89 28.22 8.14 22.67
CA ARG C 89 28.29 8.33 21.23
C ARG C 89 29.67 8.78 20.75
N GLY C 90 30.27 9.76 21.44
CA GLY C 90 31.61 10.20 21.08
C GLY C 90 32.62 9.05 21.15
N ALA C 91 32.59 8.28 22.23
CA ALA C 91 33.49 7.15 22.40
C ALA C 91 33.30 6.10 21.32
N ILE C 92 32.07 5.83 20.91
CA ILE C 92 31.82 4.91 19.81
C ILE C 92 32.36 5.43 18.49
N GLN C 93 32.29 6.74 18.25
CA GLN C 93 32.60 7.27 16.92
C GLN C 93 34.03 7.74 16.76
N VAL C 94 34.77 7.93 17.85
CA VAL C 94 36.17 8.30 17.74
C VAL C 94 37.09 7.23 18.31
N SER C 95 38.39 7.43 18.13
CA SER C 95 39.38 6.54 18.73
C SER C 95 39.38 6.71 20.26
N ALA C 96 39.11 5.61 20.97
CA ALA C 96 38.92 5.70 22.42
C ALA C 96 39.36 4.39 23.07
N VAL C 97 40.58 3.97 22.74
CA VAL C 97 41.09 2.64 23.11
C VAL C 97 41.01 2.36 24.60
N PRO C 98 41.45 3.27 25.45
CA PRO C 98 41.37 3.09 26.89
C PRO C 98 39.96 2.83 27.39
N VAL C 99 38.96 3.52 26.87
CA VAL C 99 37.58 3.34 27.26
C VAL C 99 37.09 1.91 27.04
N PHE C 100 37.32 1.39 25.82
CA PHE C 100 36.75 0.10 25.47
C PHE C 100 37.53 -1.06 26.05
N GLN C 101 38.85 -0.89 26.24
CA GLN C 101 39.62 -1.86 27.01
C GLN C 101 39.09 -1.97 28.43
N GLN C 102 38.85 -0.83 29.08
CA GLN C 102 38.30 -0.81 30.43
C GLN C 102 36.89 -1.36 30.50
N ILE C 103 36.02 -1.05 29.53
CA ILE C 103 34.69 -1.64 29.51
C ILE C 103 34.79 -3.16 29.49
N ALA C 104 35.59 -3.70 28.58
CA ALA C 104 35.77 -5.13 28.46
C ALA C 104 36.29 -5.76 29.75
N ARG C 105 37.29 -5.14 30.39
CA ARG C 105 37.80 -5.65 31.66
C ARG C 105 36.72 -5.70 32.72
N GLU C 106 35.94 -4.63 32.86
CA GLU C 106 34.88 -4.60 33.86
C GLU C 106 33.77 -5.60 33.59
N VAL C 107 33.40 -5.78 32.32
CA VAL C 107 32.49 -6.86 31.94
C VAL C 107 33.05 -8.21 32.37
N GLY C 108 34.29 -8.50 31.98
CA GLY C 108 34.95 -9.73 32.37
C GLY C 108 34.60 -10.87 31.42
N GLU C 109 35.36 -11.97 31.47
CA GLU C 109 35.29 -13.03 30.49
C GLU C 109 33.99 -13.81 30.51
N VAL C 110 33.44 -14.07 31.69
CA VAL C 110 32.23 -14.89 31.79
C VAL C 110 31.04 -14.17 31.17
N ARG C 111 30.79 -12.93 31.59
CA ARG C 111 29.69 -12.16 31.03
C ARG C 111 29.91 -11.88 29.56
N MET C 112 31.14 -11.53 29.17
CA MET C 112 31.43 -11.28 27.76
C MET C 112 31.12 -12.50 26.91
N GLN C 113 31.59 -13.68 27.31
CA GLN C 113 31.29 -14.92 26.62
C GLN C 113 29.79 -15.18 26.50
N LYS C 114 29.07 -15.00 27.60
CA LYS C 114 27.63 -15.24 27.61
C LYS C 114 26.91 -14.38 26.59
N TYR C 115 27.18 -13.07 26.60
CA TYR C 115 26.51 -12.18 25.66
C TYR C 115 26.90 -12.47 24.21
N LEU C 116 28.17 -12.78 23.93
CA LEU C 116 28.53 -13.09 22.55
C LEU C 116 27.87 -14.38 22.08
N LYS C 117 27.70 -15.37 22.95
CA LYS C 117 26.87 -16.52 22.62
C LYS C 117 25.43 -16.11 22.31
N LYS C 118 24.80 -15.32 23.16
CA LYS C 118 23.43 -14.86 22.96
C LYS C 118 23.29 -14.09 21.64
N PHE C 119 24.30 -13.29 21.29
CA PHE C 119 24.27 -12.51 20.06
C PHE C 119 24.68 -13.30 18.84
N SER C 120 25.11 -14.55 18.96
CA SER C 120 25.62 -15.34 17.87
C SER C 120 26.72 -14.59 17.11
N TYR C 121 27.70 -14.09 17.87
CA TYR C 121 28.67 -13.14 17.35
C TYR C 121 29.93 -13.85 16.87
N GLY C 122 29.96 -14.18 15.58
CA GLY C 122 31.14 -14.76 14.96
C GLY C 122 31.45 -16.13 15.51
N ASN C 123 32.74 -16.42 15.64
CA ASN C 123 33.19 -17.69 16.22
C ASN C 123 33.07 -17.73 17.73
N GLN C 124 32.70 -16.62 18.38
CA GLN C 124 32.44 -16.51 19.79
C GLN C 124 33.67 -16.81 20.62
N ASN C 125 34.84 -16.64 20.05
CA ASN C 125 36.09 -17.04 20.68
C ASN C 125 36.75 -15.78 21.24
N ILE C 126 36.74 -15.67 22.57
CA ILE C 126 37.24 -14.44 23.19
C ILE C 126 38.63 -14.69 23.78
N SER C 127 39.30 -15.76 23.39
CA SER C 127 40.68 -15.98 23.80
C SER C 127 41.60 -14.88 23.29
N GLY C 128 42.68 -14.63 24.04
CA GLY C 128 43.72 -13.72 23.61
C GLY C 128 43.93 -12.54 24.55
N GLY C 129 43.14 -12.47 25.61
CA GLY C 129 43.22 -11.36 26.56
C GLY C 129 41.91 -10.59 26.59
N ILE C 130 41.36 -10.36 27.78
CA ILE C 130 40.02 -9.82 27.93
C ILE C 130 39.89 -8.41 27.36
N ASP C 131 40.97 -7.65 27.32
CA ASP C 131 40.95 -6.31 26.75
C ASP C 131 41.59 -6.22 25.38
N LYS C 132 41.68 -7.31 24.62
CA LYS C 132 42.24 -7.24 23.28
C LYS C 132 41.79 -8.35 22.35
N PHE C 133 40.82 -9.20 22.74
CA PHE C 133 40.53 -10.39 21.97
C PHE C 133 39.92 -10.09 20.60
N TRP C 134 39.24 -8.96 20.47
CA TRP C 134 38.64 -8.53 19.22
C TRP C 134 39.63 -7.91 18.24
N LEU C 135 40.83 -7.59 18.72
CA LEU C 135 41.80 -6.85 17.93
C LEU C 135 43.07 -7.65 17.66
N GLU C 136 43.57 -8.35 18.69
CA GLU C 136 44.72 -9.22 18.45
C GLU C 136 44.50 -10.64 18.99
N GLY C 137 43.26 -10.96 19.37
CA GLY C 137 42.95 -12.27 19.91
C GLY C 137 42.36 -13.21 18.86
N GLN C 138 41.49 -14.12 19.32
CA GLN C 138 41.00 -15.20 18.48
C GLN C 138 39.61 -14.93 17.91
N LEU C 139 39.01 -13.80 18.26
CA LEU C 139 37.64 -13.52 17.81
C LEU C 139 37.61 -13.21 16.33
N ARG C 140 36.67 -13.85 15.62
CA ARG C 140 36.53 -13.68 14.18
C ARG C 140 35.03 -13.60 13.85
N ILE C 141 34.67 -12.76 12.88
CA ILE C 141 33.27 -12.65 12.45
C ILE C 141 33.22 -12.40 10.95
N SER C 142 32.21 -12.96 10.27
CA SER C 142 32.08 -12.77 8.83
C SER C 142 31.21 -11.56 8.51
N ALA C 143 31.29 -11.13 7.25
CA ALA C 143 30.43 -10.08 6.73
C ALA C 143 28.96 -10.47 6.80
N VAL C 144 28.64 -11.71 6.41
CA VAL C 144 27.28 -12.23 6.60
C VAL C 144 26.85 -12.15 8.05
N ASN C 145 27.68 -12.58 9.00
CA ASN C 145 27.29 -12.56 10.40
C ASN C 145 27.11 -11.14 10.91
N GLN C 146 27.94 -10.20 10.44
CA GLN C 146 27.73 -8.80 10.78
C GLN C 146 26.35 -8.31 10.35
N VAL C 147 25.92 -8.63 9.13
CA VAL C 147 24.57 -8.26 8.69
C VAL C 147 23.50 -8.88 9.57
N GLU C 148 23.63 -10.16 9.94
CA GLU C 148 22.63 -10.77 10.80
C GLU C 148 22.53 -10.11 12.16
N PHE C 149 23.69 -9.88 12.76
CA PHE C 149 23.79 -9.17 14.04
C PHE C 149 23.20 -7.77 13.98
N LEU C 150 23.52 -7.01 12.92
CA LEU C 150 23.01 -5.65 12.77
C LEU C 150 21.50 -5.63 12.50
N GLU C 151 21.02 -6.58 11.70
CA GLU C 151 19.58 -6.72 11.52
C GLU C 151 18.88 -6.97 12.85
N SER C 152 19.40 -7.89 13.67
CA SER C 152 18.85 -8.11 15.00
C SER C 152 18.82 -6.82 15.82
N LEU C 153 19.93 -6.08 15.84
CA LEU C 153 19.98 -4.79 16.52
C LEU C 153 18.91 -3.84 16.00
N TYR C 154 18.78 -3.74 14.68
CA TYR C 154 17.77 -2.90 14.04
C TYR C 154 16.37 -3.24 14.53
N LEU C 155 16.06 -4.53 14.60
CA LEU C 155 14.74 -5.00 15.01
C LEU C 155 14.54 -5.11 16.51
N ASN C 156 15.57 -4.80 17.29
CA ASN C 156 15.57 -4.87 18.74
C ASN C 156 15.47 -6.31 19.24
N LYS C 157 16.03 -7.25 18.48
CA LYS C 157 15.88 -8.66 18.75
C LYS C 157 17.10 -9.25 19.44
N LEU C 158 18.15 -8.45 19.64
CA LEU C 158 19.27 -8.93 20.45
C LEU C 158 18.79 -9.23 21.87
N SER C 159 19.51 -10.11 22.56
CA SER C 159 19.23 -10.44 23.94
C SER C 159 19.76 -9.36 24.88
N ALA C 160 19.04 -8.25 24.90
CA ALA C 160 19.40 -7.02 25.58
C ALA C 160 18.15 -6.14 25.61
N SER C 161 18.06 -5.23 26.57
CA SER C 161 16.86 -4.39 26.66
C SER C 161 16.70 -3.62 25.35
N LYS C 162 15.46 -3.34 24.97
CA LYS C 162 15.21 -2.47 23.83
C LYS C 162 15.84 -1.10 24.06
N GLU C 163 15.67 -0.56 25.26
CA GLU C 163 16.31 0.67 25.69
C GLU C 163 17.79 0.73 25.34
N ASN C 164 18.58 -0.27 25.74
CA ASN C 164 20.00 -0.27 25.44
C ASN C 164 20.31 -0.45 23.96
N GLN C 165 19.53 -1.24 23.23
CA GLN C 165 19.69 -1.31 21.78
C GLN C 165 19.42 0.02 21.11
N LEU C 166 18.38 0.74 21.53
CA LEU C 166 18.09 2.07 21.03
C LEU C 166 19.18 3.08 21.37
N ILE C 167 19.72 3.03 22.58
CA ILE C 167 20.83 3.92 22.94
C ILE C 167 22.01 3.75 22.01
N VAL C 168 22.43 2.50 21.80
CA VAL C 168 23.58 2.21 20.95
C VAL C 168 23.28 2.56 19.50
N LYS C 169 22.03 2.32 19.07
CA LYS C 169 21.66 2.73 17.71
C LYS C 169 21.78 4.23 17.50
N GLU C 170 21.33 5.09 18.42
CA GLU C 170 21.48 6.51 18.14
C GLU C 170 22.95 6.92 18.13
N ALA C 171 23.80 6.27 18.94
CA ALA C 171 25.24 6.50 18.88
C ALA C 171 25.88 6.09 17.56
N LEU C 172 25.26 5.27 16.75
CA LEU C 172 25.78 4.85 15.46
C LEU C 172 25.26 5.67 14.29
N VAL C 173 24.39 6.66 14.54
CA VAL C 173 23.92 7.51 13.45
C VAL C 173 25.09 8.31 12.88
N THR C 174 25.31 8.23 11.57
CA THR C 174 26.44 8.92 10.95
C THR C 174 26.01 9.84 9.82
N GLU C 175 24.82 9.64 9.27
CA GLU C 175 24.28 10.54 8.25
C GLU C 175 22.79 10.70 8.48
N ALA C 176 22.28 11.92 8.34
CA ALA C 176 20.87 12.18 8.60
C ALA C 176 20.30 13.17 7.60
N ALA C 177 19.24 12.74 6.95
CA ALA C 177 18.42 13.58 6.08
C ALA C 177 16.97 13.19 6.38
N PRO C 178 16.02 13.97 5.87
CA PRO C 178 14.61 13.73 6.21
C PRO C 178 14.17 12.33 5.89
N GLU C 179 14.53 11.79 4.73
CA GLU C 179 14.17 10.43 4.36
C GLU C 179 15.40 9.58 4.05
N TYR C 180 16.49 9.86 4.74
CA TYR C 180 17.71 9.06 4.56
C TYR C 180 18.47 9.06 5.88
N LEU C 181 18.64 7.87 6.46
CA LEU C 181 19.33 7.80 7.75
C LEU C 181 20.31 6.65 7.72
N VAL C 182 21.56 6.92 8.10
CA VAL C 182 22.60 5.91 8.06
C VAL C 182 23.09 5.62 9.48
N HIS C 183 23.02 4.35 9.85
CA HIS C 183 23.73 3.88 11.05
C HIS C 183 24.94 3.08 10.58
N SER C 184 26.13 3.42 11.04
CA SER C 184 27.31 2.75 10.49
C SER C 184 28.44 2.74 11.50
N LYS C 185 29.38 1.85 11.23
CA LYS C 185 30.54 1.69 12.11
C LYS C 185 31.74 1.22 11.31
N THR C 186 32.83 1.98 11.39
CA THR C 186 34.08 1.54 10.79
C THR C 186 34.82 0.56 11.69
N GLY C 187 35.70 -0.22 11.08
CA GLY C 187 36.62 -1.07 11.82
C GLY C 187 37.98 -1.09 11.13
N PHE C 188 39.03 -1.33 11.91
CA PHE C 188 40.39 -1.32 11.37
C PHE C 188 41.32 -1.99 12.39
N SER C 189 42.05 -3.01 11.97
CA SER C 189 42.92 -3.73 12.91
C SER C 189 44.34 -3.20 12.87
N GLY C 190 44.64 -2.37 11.88
CA GLY C 190 45.99 -1.88 11.67
C GLY C 190 46.48 -2.24 10.27
N VAL C 191 47.49 -1.50 9.81
CA VAL C 191 48.10 -1.78 8.51
C VAL C 191 49.01 -2.98 8.60
N GLY C 192 48.76 -3.97 7.76
CA GLY C 192 49.59 -5.17 7.74
C GLY C 192 50.50 -5.13 6.52
N THR C 193 50.97 -6.29 6.11
CA THR C 193 51.81 -6.44 4.91
C THR C 193 51.03 -7.19 3.86
N GLU C 194 51.58 -7.40 2.66
CA GLU C 194 50.85 -8.16 1.65
C GLU C 194 50.61 -9.59 2.13
N SER C 195 51.64 -10.20 2.69
CA SER C 195 51.57 -11.53 3.26
C SER C 195 50.62 -11.63 4.44
N ASN C 196 50.63 -10.64 5.33
CA ASN C 196 49.84 -10.63 6.54
C ASN C 196 49.09 -9.32 6.72
N PRO C 197 48.05 -9.11 5.90
CA PRO C 197 47.31 -7.87 5.90
C PRO C 197 46.52 -7.65 7.17
N GLY C 198 46.24 -6.39 7.49
CA GLY C 198 45.24 -6.09 8.51
C GLY C 198 43.86 -6.20 7.85
N VAL C 199 42.83 -5.96 8.63
CA VAL C 199 41.47 -5.90 8.06
C VAL C 199 40.86 -4.54 8.34
N ALA C 200 40.07 -4.04 7.39
CA ALA C 200 39.29 -2.83 7.58
C ALA C 200 37.82 -3.14 7.25
N TRP C 201 36.92 -2.52 7.99
CA TRP C 201 35.50 -2.82 7.89
C TRP C 201 34.68 -1.54 7.71
N TRP C 202 33.54 -1.67 7.05
CA TRP C 202 32.48 -0.68 7.21
C TRP C 202 31.15 -1.43 7.24
N VAL C 203 30.43 -1.35 8.35
CA VAL C 203 29.19 -2.11 8.52
C VAL C 203 28.08 -1.16 8.97
N GLY C 204 26.82 -1.52 8.68
CA GLY C 204 25.71 -0.75 9.21
C GLY C 204 24.44 -0.98 8.40
N TRP C 205 23.56 0.02 8.40
CA TRP C 205 22.38 -0.04 7.56
C TRP C 205 21.99 1.35 7.10
N VAL C 206 21.36 1.36 5.92
CA VAL C 206 20.83 2.59 5.33
C VAL C 206 19.31 2.52 5.34
N GLU C 207 18.66 3.52 5.94
CA GLU C 207 17.22 3.66 5.75
C GLU C 207 16.97 4.72 4.67
N LYS C 208 16.38 4.32 3.56
CA LYS C 208 16.05 5.24 2.49
C LYS C 208 14.53 5.20 2.27
N GLU C 209 13.87 6.31 2.50
CA GLU C 209 12.39 6.32 2.45
C GLU C 209 11.87 5.26 3.40
N THR C 210 11.15 4.25 2.93
CA THR C 210 10.63 3.23 3.83
C THR C 210 11.32 1.88 3.63
N GLU C 211 12.46 1.91 2.95
CA GLU C 211 13.27 0.71 2.78
C GLU C 211 14.45 0.72 3.74
N VAL C 212 14.95 -0.47 4.08
CA VAL C 212 16.19 -0.57 4.84
C VAL C 212 17.16 -1.50 4.12
N TYR C 213 18.42 -1.09 4.04
CA TYR C 213 19.47 -1.90 3.45
C TYR C 213 20.55 -2.21 4.50
N PHE C 214 20.80 -3.47 4.76
CA PHE C 214 21.88 -3.85 5.68
C PHE C 214 23.15 -4.09 4.87
N PHE C 215 24.30 -3.64 5.40
CA PHE C 215 25.54 -3.84 4.67
C PHE C 215 26.70 -4.20 5.59
N ALA C 216 27.65 -4.92 5.00
CA ALA C 216 28.92 -5.19 5.65
C ALA C 216 30.01 -5.29 4.60
N PHE C 217 31.06 -4.50 4.81
CA PHE C 217 32.24 -4.50 3.96
C PHE C 217 33.49 -4.87 4.77
N ASN C 218 34.33 -5.71 4.21
CA ASN C 218 35.70 -5.79 4.73
C ASN C 218 36.71 -5.90 3.60
N MET C 219 37.95 -5.54 3.90
CA MET C 219 39.04 -5.69 2.94
C MET C 219 40.34 -5.97 3.68
N ASP C 220 41.27 -6.60 2.96
CA ASP C 220 42.64 -6.72 3.47
C ASP C 220 43.33 -5.38 3.27
N ILE C 221 44.03 -4.88 4.29
CA ILE C 221 44.73 -3.61 4.13
C ILE C 221 46.23 -3.77 4.40
N ASP C 222 47.02 -3.38 3.41
CA ASP C 222 48.48 -3.49 3.50
C ASP C 222 49.13 -2.17 3.08
N ASN C 223 48.29 -1.13 3.03
CA ASN C 223 48.74 0.20 2.68
C ASN C 223 47.87 1.22 3.39
N GLU C 224 48.49 2.07 4.21
CA GLU C 224 47.79 3.09 4.97
C GLU C 224 46.88 3.97 4.11
N SER C 225 47.30 4.28 2.90
CA SER C 225 46.59 5.15 1.98
C SER C 225 45.28 4.56 1.48
N LYS C 226 45.10 3.25 1.56
CA LYS C 226 43.90 2.60 1.06
C LYS C 226 42.76 2.51 2.07
N LEU C 227 42.96 3.03 3.29
CA LEU C 227 41.93 2.93 4.31
C LEU C 227 40.58 3.50 3.92
N PRO C 228 40.51 4.65 3.25
CA PRO C 228 39.25 5.28 2.88
C PRO C 228 38.38 4.51 1.90
N LEU C 229 38.96 3.54 1.21
CA LEU C 229 38.26 2.61 0.34
C LEU C 229 37.19 1.79 1.06
N ARG C 230 37.34 1.60 2.36
CA ARG C 230 36.34 0.98 3.22
C ARG C 230 34.98 1.69 3.13
N LYS C 231 34.93 2.99 2.87
CA LYS C 231 33.68 3.69 2.64
C LYS C 231 33.41 3.92 1.16
N SER C 232 34.45 4.17 0.36
CA SER C 232 34.22 4.54 -1.04
C SER C 232 33.82 3.36 -1.89
N ILE C 233 34.31 2.15 -1.61
CA ILE C 233 33.88 0.99 -2.39
C ILE C 233 32.41 0.68 -2.16
N PRO C 234 31.99 0.58 -0.91
CA PRO C 234 30.58 0.41 -0.57
C PRO C 234 29.70 1.51 -1.14
N THR C 235 30.13 2.76 -1.02
CA THR C 235 29.38 3.89 -1.54
C THR C 235 29.18 3.76 -3.05
N LYS C 236 30.23 3.42 -3.79
CA LYS C 236 30.11 3.25 -5.23
C LYS C 236 29.15 2.13 -5.61
N ILE C 237 29.23 0.99 -4.94
CA ILE C 237 28.28 -0.09 -5.12
C ILE C 237 26.86 0.33 -4.78
N MET C 238 26.66 1.02 -3.66
CA MET C 238 25.32 1.49 -3.31
C MET C 238 24.81 2.54 -4.29
N GLU C 239 25.69 3.37 -4.85
CA GLU C 239 25.32 4.26 -5.95
C GLU C 239 24.80 3.49 -7.15
N SER C 240 25.58 2.49 -7.59
CA SER C 240 25.21 1.65 -8.72
C SER C 240 23.88 0.94 -8.51
N GLU C 241 23.56 0.56 -7.27
CA GLU C 241 22.31 -0.09 -6.95
C GLU C 241 21.14 0.87 -6.76
N GLY C 242 21.36 2.18 -6.82
CA GLY C 242 20.28 3.15 -6.77
C GLY C 242 19.95 3.60 -5.35
N ILE C 243 20.74 3.16 -4.37
CA ILE C 243 20.51 3.55 -2.98
C ILE C 243 20.97 4.98 -2.77
N ILE C 244 22.17 5.28 -3.26
CA ILE C 244 22.71 6.63 -3.16
C ILE C 244 22.32 7.43 -4.40
N GLY C 245 21.64 8.55 -4.17
CA GLY C 245 21.17 9.39 -5.27
C GLY C 245 19.75 9.03 -5.69
N GLY C 246 19.13 9.90 -6.47
CA GLY C 246 17.78 9.66 -6.97
C GLY C 246 17.80 9.38 -8.47
N ILE D 2 -39.05 10.84 -4.43
CA ILE D 2 -38.14 10.22 -3.41
C ILE D 2 -38.67 10.47 -2.01
N THR D 3 -38.65 9.43 -1.18
CA THR D 3 -39.20 9.49 0.17
C THR D 3 -38.10 9.30 1.19
N GLU D 4 -38.28 9.88 2.38
CA GLU D 4 -37.32 9.69 3.45
C GLU D 4 -37.67 8.47 4.29
N ASN D 5 -36.65 7.65 4.53
CA ASN D 5 -36.76 6.50 5.43
C ASN D 5 -35.90 6.79 6.66
N THR D 6 -36.53 7.18 7.76
CA THR D 6 -35.80 7.57 8.97
C THR D 6 -35.01 6.44 9.58
N SER D 7 -35.51 5.21 9.51
CA SER D 7 -34.86 4.05 10.06
C SER D 7 -33.49 3.79 9.47
N TRP D 8 -33.23 4.21 8.23
CA TRP D 8 -31.95 4.06 7.59
C TRP D 8 -30.85 4.97 8.13
N ASN D 9 -31.15 5.87 9.07
CA ASN D 9 -30.10 6.62 9.75
C ASN D 9 -29.40 5.83 10.84
N LYS D 10 -29.91 4.65 11.18
CA LYS D 10 -29.39 3.82 12.25
C LYS D 10 -27.88 3.64 12.23
N GLU D 11 -27.32 3.18 11.11
CA GLU D 11 -25.89 2.88 11.10
C GLU D 11 -25.05 4.14 11.01
N PHE D 12 -25.55 5.18 10.36
CA PHE D 12 -24.90 6.49 10.39
C PHE D 12 -24.74 6.99 11.81
N SER D 13 -25.83 6.93 12.58
CA SER D 13 -25.82 7.37 13.96
C SER D 13 -24.91 6.53 14.83
N ALA D 14 -24.91 5.22 14.63
CA ALA D 14 -24.11 4.30 15.43
C ALA D 14 -22.62 4.49 15.23
N GLU D 15 -22.21 4.90 14.04
CA GLU D 15 -20.82 5.13 13.69
C GLU D 15 -20.45 6.61 13.77
N ALA D 16 -21.41 7.45 14.15
CA ALA D 16 -21.23 8.89 14.23
C ALA D 16 -20.67 9.46 12.93
N VAL D 17 -21.35 9.17 11.83
CA VAL D 17 -20.95 9.67 10.52
C VAL D 17 -22.10 10.39 9.83
N ASN D 18 -21.74 11.40 9.05
CA ASN D 18 -22.72 12.13 8.23
C ASN D 18 -22.65 11.58 6.82
N GLY D 19 -23.81 11.16 6.30
CA GLY D 19 -23.82 10.68 4.91
C GLY D 19 -25.25 10.42 4.46
N VAL D 20 -25.34 9.87 3.24
CA VAL D 20 -26.65 9.58 2.66
C VAL D 20 -26.60 8.28 1.88
N PHE D 21 -27.70 7.53 1.95
CA PHE D 21 -27.90 6.39 1.07
C PHE D 21 -29.18 6.62 0.28
N VAL D 22 -29.11 6.43 -1.03
CA VAL D 22 -30.30 6.50 -1.88
C VAL D 22 -30.48 5.12 -2.52
N LEU D 23 -31.69 4.60 -2.45
CA LEU D 23 -31.97 3.25 -2.96
C LEU D 23 -33.26 3.31 -3.78
N CYS D 24 -33.22 2.81 -5.01
CA CYS D 24 -34.38 2.88 -5.89
C CYS D 24 -34.70 1.48 -6.41
N LYS D 25 -35.93 1.02 -6.20
CA LYS D 25 -36.33 -0.29 -6.70
C LYS D 25 -36.93 -0.14 -8.10
N SER D 26 -36.41 -0.85 -9.08
CA SER D 26 -36.93 -0.91 -10.43
C SER D 26 -36.49 0.25 -11.32
N SER D 27 -36.69 1.47 -10.86
CA SER D 27 -36.32 2.67 -11.59
C SER D 27 -36.10 3.82 -10.62
N SER D 28 -35.68 4.97 -11.14
CA SER D 28 -35.49 6.17 -10.35
C SER D 28 -36.77 6.91 -10.01
N LYS D 29 -37.94 6.39 -10.38
CA LYS D 29 -39.21 6.92 -9.95
C LYS D 29 -39.64 6.37 -8.59
N SER D 30 -38.90 5.40 -8.08
CA SER D 30 -39.23 4.73 -6.83
C SER D 30 -38.02 4.71 -5.90
N CYS D 31 -37.69 5.87 -5.32
CA CYS D 31 -36.50 5.97 -4.48
C CYS D 31 -36.82 6.31 -3.04
N ALA D 32 -35.91 5.89 -2.16
CA ALA D 32 -35.97 6.23 -0.75
C ALA D 32 -34.56 6.62 -0.27
N THR D 33 -34.51 7.35 0.84
CA THR D 33 -33.20 7.79 1.35
C THR D 33 -33.29 8.04 2.85
N ASN D 34 -32.16 7.97 3.54
CA ASN D 34 -32.15 8.34 4.95
C ASN D 34 -32.22 9.85 5.16
N ASP D 35 -31.83 10.64 4.16
CA ASP D 35 -31.77 12.09 4.31
C ASP D 35 -32.06 12.78 2.99
N LEU D 36 -33.27 13.35 2.90
CA LEU D 36 -33.73 14.01 1.69
C LEU D 36 -32.82 15.16 1.27
N ALA D 37 -32.43 16.02 2.22
CA ALA D 37 -31.57 17.15 1.89
C ALA D 37 -30.23 16.68 1.32
N ARG D 38 -29.60 15.70 1.97
CA ARG D 38 -28.27 15.28 1.52
C ARG D 38 -28.33 14.45 0.24
N ALA D 39 -29.46 13.80 -0.05
CA ALA D 39 -29.61 13.05 -1.29
C ALA D 39 -29.39 13.91 -2.54
N SER D 40 -29.77 15.19 -2.50
CA SER D 40 -29.56 16.08 -3.63
C SER D 40 -28.35 16.99 -3.46
N LYS D 41 -27.60 16.89 -2.37
CA LYS D 41 -26.39 17.70 -2.24
C LYS D 41 -25.29 17.16 -3.14
N GLU D 42 -24.50 18.05 -3.74
CA GLU D 42 -23.53 17.62 -4.75
C GLU D 42 -22.10 17.63 -4.23
N TYR D 43 -21.41 16.52 -4.43
CA TYR D 43 -20.05 16.33 -3.96
C TYR D 43 -19.09 15.99 -5.10
N LEU D 44 -17.79 16.20 -4.87
CA LEU D 44 -16.79 15.68 -5.79
C LEU D 44 -17.05 14.20 -6.06
N PRO D 45 -17.02 13.79 -7.32
CA PRO D 45 -17.25 12.40 -7.67
C PRO D 45 -16.07 11.51 -7.31
N ALA D 46 -14.87 12.09 -7.29
CA ALA D 46 -13.66 11.33 -7.03
C ALA D 46 -13.65 10.09 -7.91
N SER D 47 -13.35 8.91 -7.39
CA SER D 47 -13.14 7.73 -8.21
C SER D 47 -14.41 7.12 -8.76
N THR D 48 -15.60 7.59 -8.38
CA THR D 48 -16.80 7.27 -9.14
C THR D 48 -16.81 7.91 -10.53
N PHE D 49 -15.99 8.93 -10.79
CA PHE D 49 -15.81 9.49 -12.12
C PHE D 49 -15.15 8.54 -13.10
N LYS D 50 -14.53 7.44 -12.65
CA LYS D 50 -14.02 6.42 -13.55
C LYS D 50 -15.10 5.86 -14.46
N ILE D 51 -16.36 5.83 -14.05
CA ILE D 51 -17.44 5.37 -14.91
C ILE D 51 -17.60 6.19 -16.17
N PRO D 52 -17.92 7.47 -16.07
CA PRO D 52 -18.05 8.33 -17.24
C PRO D 52 -16.73 8.46 -17.98
N ASN D 53 -15.62 8.56 -17.25
CA ASN D 53 -14.30 8.69 -17.86
C ASN D 53 -14.00 7.50 -18.75
N ALA D 54 -14.26 6.28 -18.29
CA ALA D 54 -14.07 5.09 -19.10
C ALA D 54 -14.99 5.05 -20.32
N ILE D 55 -16.26 5.41 -20.14
CA ILE D 55 -17.20 5.46 -21.25
C ILE D 55 -16.75 6.47 -22.31
N ILE D 56 -16.39 7.67 -21.86
CA ILE D 56 -15.92 8.72 -22.76
C ILE D 56 -14.63 8.32 -23.45
N GLY D 57 -13.69 7.71 -22.73
CA GLY D 57 -12.48 7.14 -23.29
C GLY D 57 -12.76 6.16 -24.42
N LEU D 58 -13.69 5.24 -24.20
CA LEU D 58 -14.09 4.32 -25.27
C LEU D 58 -14.78 5.04 -26.41
N GLU D 59 -15.70 5.94 -26.12
CA GLU D 59 -16.45 6.66 -27.13
C GLU D 59 -15.55 7.48 -28.07
N THR D 60 -14.52 8.11 -27.51
CA THR D 60 -13.66 8.99 -28.27
C THR D 60 -12.60 8.23 -29.05
N GLY D 61 -12.30 7.01 -28.64
CA GLY D 61 -11.29 6.19 -29.28
C GLY D 61 -9.97 6.23 -28.51
N VAL D 62 -9.96 6.99 -27.42
CA VAL D 62 -8.81 7.07 -26.52
C VAL D 62 -8.51 5.70 -25.92
N ILE D 63 -9.56 5.00 -25.50
CA ILE D 63 -9.48 3.58 -25.18
C ILE D 63 -9.94 2.78 -26.40
N LYS D 64 -9.07 1.92 -26.93
CA LYS D 64 -9.31 1.26 -28.20
C LYS D 64 -10.50 0.31 -28.16
N ASN D 65 -10.49 -0.59 -27.17
CA ASN D 65 -11.62 -1.49 -26.98
C ASN D 65 -11.62 -2.12 -25.59
N GLU D 66 -12.46 -3.12 -25.46
CA GLU D 66 -12.64 -3.96 -24.29
C GLU D 66 -11.34 -4.60 -23.78
N HIS D 67 -10.45 -5.01 -24.67
CA HIS D 67 -9.28 -5.79 -24.29
C HIS D 67 -7.99 -5.00 -24.32
N GLN D 68 -8.06 -3.67 -24.38
CA GLN D 68 -6.83 -2.88 -24.33
C GLN D 68 -6.15 -3.05 -22.98
N VAL D 69 -4.83 -3.20 -23.00
CA VAL D 69 -4.04 -3.29 -21.78
C VAL D 69 -3.31 -1.96 -21.54
N PHE D 70 -3.44 -1.43 -20.32
CA PHE D 70 -2.68 -0.23 -19.96
C PHE D 70 -1.35 -0.65 -19.35
N LYS D 71 -0.27 -0.39 -20.08
CA LYS D 71 1.05 -0.86 -19.71
C LYS D 71 1.74 0.09 -18.75
N TRP D 72 2.42 -0.45 -17.74
CA TRP D 72 3.26 0.39 -16.89
C TRP D 72 4.34 1.06 -17.73
N PRO D 73 4.36 2.39 -17.72
CA PRO D 73 5.30 3.15 -18.53
C PRO D 73 6.09 4.16 -17.72
N ARG D 77 5.24 6.94 -8.88
CA ARG D 77 5.72 5.60 -8.52
C ARG D 77 5.68 5.39 -7.02
N ALA D 78 4.91 6.22 -6.33
CA ALA D 78 4.81 6.18 -4.88
C ALA D 78 3.74 5.19 -4.42
N MET D 79 2.98 4.65 -5.35
CA MET D 79 2.10 3.51 -5.10
C MET D 79 2.63 2.30 -5.89
N LYS D 80 2.62 1.14 -5.26
CA LYS D 80 2.97 -0.10 -5.94
C LYS D 80 1.93 -0.44 -7.02
N GLN D 81 0.67 -0.17 -6.72
CA GLN D 81 -0.44 -0.27 -7.65
C GLN D 81 -0.19 0.35 -9.01
N TRP D 82 0.48 1.49 -9.11
CA TRP D 82 0.62 2.21 -10.38
C TRP D 82 1.81 1.74 -11.21
N GLU D 83 2.49 0.68 -10.77
CA GLU D 83 3.57 0.06 -11.54
C GLU D 83 3.16 -1.30 -12.08
N ARG D 84 1.87 -1.47 -12.37
CA ARG D 84 1.33 -2.72 -12.88
C ARG D 84 0.74 -2.54 -14.27
N ASP D 85 0.75 -3.60 -15.07
CA ASP D 85 -0.07 -3.61 -16.29
C ASP D 85 -1.52 -3.91 -15.91
N LEU D 86 -2.48 -3.22 -16.51
CA LEU D 86 -3.87 -3.39 -16.12
C LEU D 86 -4.77 -3.52 -17.34
N THR D 87 -5.81 -4.35 -17.22
CA THR D 87 -6.90 -4.32 -18.21
C THR D 87 -7.79 -3.12 -17.92
N LEU D 88 -8.77 -2.87 -18.78
CA LEU D 88 -9.75 -1.82 -18.51
C LEU D 88 -10.51 -2.11 -17.21
N ARG D 89 -11.00 -3.34 -17.06
CA ARG D 89 -11.66 -3.73 -15.82
C ARG D 89 -10.73 -3.60 -14.62
N GLY D 90 -9.49 -4.06 -14.74
CA GLY D 90 -8.51 -3.94 -13.67
C GLY D 90 -8.30 -2.47 -13.29
N ALA D 91 -8.06 -1.63 -14.29
CA ALA D 91 -7.87 -0.20 -14.04
C ALA D 91 -9.09 0.46 -13.40
N ILE D 92 -10.30 0.06 -13.78
CA ILE D 92 -11.50 0.58 -13.12
C ILE D 92 -11.56 0.15 -11.67
N GLN D 93 -11.20 -1.10 -11.35
CA GLN D 93 -11.42 -1.63 -10.02
C GLN D 93 -10.29 -1.42 -9.04
N VAL D 94 -9.10 -1.03 -9.52
CA VAL D 94 -7.97 -0.81 -8.62
C VAL D 94 -7.53 0.65 -8.70
N SER D 95 -6.62 1.05 -7.80
CA SER D 95 -6.05 2.39 -7.89
C SER D 95 -5.13 2.48 -9.12
N ALA D 96 -5.46 3.38 -10.03
CA ALA D 96 -4.72 3.51 -11.29
C ALA D 96 -4.70 4.97 -11.74
N VAL D 97 -4.20 5.83 -10.87
CA VAL D 97 -4.26 7.26 -11.07
C VAL D 97 -3.65 7.72 -12.38
N PRO D 98 -2.45 7.26 -12.72
CA PRO D 98 -1.81 7.62 -13.97
C PRO D 98 -2.67 7.33 -15.19
N VAL D 99 -3.35 6.19 -15.21
CA VAL D 99 -4.20 5.81 -16.33
C VAL D 99 -5.32 6.80 -16.55
N PHE D 100 -6.07 7.12 -15.49
CA PHE D 100 -7.25 7.95 -15.66
C PHE D 100 -6.90 9.42 -15.86
N GLN D 101 -5.79 9.88 -15.31
CA GLN D 101 -5.31 11.23 -15.64
C GLN D 101 -4.94 11.31 -17.11
N GLN D 102 -4.23 10.31 -17.62
CA GLN D 102 -3.89 10.24 -19.04
C GLN D 102 -5.13 10.17 -19.92
N ILE D 103 -6.10 9.32 -19.58
CA ILE D 103 -7.34 9.26 -20.36
C ILE D 103 -7.99 10.64 -20.48
N ALA D 104 -8.14 11.33 -19.36
CA ALA D 104 -8.79 12.64 -19.35
C ALA D 104 -8.03 13.65 -20.22
N ARG D 105 -6.70 13.68 -20.13
CA ARG D 105 -5.92 14.60 -20.96
C ARG D 105 -6.11 14.30 -22.45
N GLU D 106 -6.09 13.03 -22.83
CA GLU D 106 -6.30 12.64 -24.22
C GLU D 106 -7.70 12.95 -24.71
N VAL D 107 -8.73 12.78 -23.88
CA VAL D 107 -10.07 13.20 -24.24
C VAL D 107 -10.10 14.70 -24.50
N GLY D 108 -9.61 15.47 -23.53
CA GLY D 108 -9.49 16.91 -23.71
C GLY D 108 -10.72 17.66 -23.24
N GLU D 109 -10.58 18.97 -23.06
CA GLU D 109 -11.61 19.81 -22.50
C GLU D 109 -12.92 19.78 -23.27
N VAL D 110 -12.86 19.98 -24.58
CA VAL D 110 -14.07 20.12 -25.39
C VAL D 110 -14.88 18.83 -25.39
N ARG D 111 -14.23 17.70 -25.67
CA ARG D 111 -14.93 16.42 -25.69
C ARG D 111 -15.43 16.04 -24.31
N MET D 112 -14.61 16.24 -23.28
CA MET D 112 -15.04 15.95 -21.91
C MET D 112 -16.31 16.71 -21.55
N GLN D 113 -16.32 18.02 -21.80
CA GLN D 113 -17.47 18.86 -21.53
C GLN D 113 -18.72 18.42 -22.28
N LYS D 114 -18.56 18.11 -23.56
CA LYS D 114 -19.65 17.65 -24.40
C LYS D 114 -20.33 16.42 -23.79
N TYR D 115 -19.54 15.41 -23.44
CA TYR D 115 -20.12 14.18 -22.91
C TYR D 115 -20.74 14.35 -21.54
N LEU D 116 -20.13 15.15 -20.65
CA LEU D 116 -20.75 15.36 -19.34
C LEU D 116 -22.07 16.09 -19.46
N LYS D 117 -22.19 16.99 -20.43
CA LYS D 117 -23.47 17.60 -20.77
C LYS D 117 -24.47 16.57 -21.27
N LYS D 118 -24.06 15.70 -22.18
CA LYS D 118 -24.91 14.64 -22.70
C LYS D 118 -25.36 13.68 -21.60
N PHE D 119 -24.48 13.40 -20.65
CA PHE D 119 -24.78 12.49 -19.55
C PHE D 119 -25.53 13.15 -18.40
N SER D 120 -25.76 14.45 -18.47
CA SER D 120 -26.35 15.20 -17.37
C SER D 120 -25.60 14.90 -16.07
N TYR D 121 -24.28 15.04 -16.13
CA TYR D 121 -23.45 14.55 -15.04
C TYR D 121 -23.18 15.68 -14.05
N GLY D 122 -24.01 15.76 -13.01
CA GLY D 122 -23.82 16.71 -11.92
C GLY D 122 -23.92 18.14 -12.42
N ASN D 123 -23.07 18.99 -11.86
CA ASN D 123 -23.04 20.40 -12.24
C ASN D 123 -22.30 20.62 -13.55
N GLN D 124 -21.66 19.59 -14.10
CA GLN D 124 -21.05 19.60 -15.41
C GLN D 124 -19.88 20.59 -15.47
N ASN D 125 -19.29 20.87 -14.32
CA ASN D 125 -18.23 21.88 -14.24
C ASN D 125 -16.88 21.16 -14.21
N ILE D 126 -16.13 21.27 -15.29
CA ILE D 126 -14.86 20.55 -15.38
C ILE D 126 -13.67 21.47 -15.16
N SER D 127 -13.90 22.64 -14.58
CA SER D 127 -12.81 23.51 -14.15
C SER D 127 -11.96 22.87 -13.07
N GLY D 128 -10.69 23.26 -13.02
CA GLY D 128 -9.78 22.83 -11.96
C GLY D 128 -8.60 22.05 -12.52
N GLY D 129 -8.57 21.88 -13.84
CA GLY D 129 -7.48 21.14 -14.48
C GLY D 129 -8.02 19.87 -15.12
N ILE D 130 -7.70 19.65 -16.38
CA ILE D 130 -8.29 18.56 -17.17
C ILE D 130 -8.03 17.17 -16.58
N ASP D 131 -6.92 16.99 -15.88
CA ASP D 131 -6.61 15.70 -15.26
C ASP D 131 -6.86 15.68 -13.76
N LYS D 132 -7.67 16.57 -13.21
CA LYS D 132 -8.02 16.46 -11.80
C LYS D 132 -9.33 17.11 -11.41
N PHE D 133 -10.18 17.50 -12.35
CA PHE D 133 -11.38 18.27 -12.01
C PHE D 133 -12.38 17.48 -11.17
N TRP D 134 -12.40 16.16 -11.32
CA TRP D 134 -13.31 15.30 -10.57
C TRP D 134 -12.85 15.04 -9.14
N LEU D 135 -11.62 15.41 -8.81
CA LEU D 135 -11.00 15.06 -7.54
C LEU D 135 -10.63 16.29 -6.72
N GLU D 136 -10.06 17.28 -7.40
CA GLU D 136 -9.63 18.51 -6.76
C GLU D 136 -10.30 19.76 -7.35
N GLY D 137 -11.14 19.59 -8.36
CA GLY D 137 -11.67 20.70 -9.13
C GLY D 137 -13.11 21.06 -8.73
N GLN D 138 -13.87 21.52 -9.71
CA GLN D 138 -15.17 22.11 -9.47
C GLN D 138 -16.34 21.17 -9.77
N LEU D 139 -16.06 19.95 -10.23
CA LEU D 139 -17.16 19.03 -10.54
C LEU D 139 -17.85 18.55 -9.28
N ARG D 140 -19.18 18.52 -9.31
CA ARG D 140 -19.99 18.06 -8.19
C ARG D 140 -21.18 17.24 -8.70
N ILE D 141 -21.53 16.19 -8.00
CA ILE D 141 -22.67 15.35 -8.38
C ILE D 141 -23.36 14.81 -7.13
N SER D 142 -24.68 14.67 -7.16
CA SER D 142 -25.42 14.17 -6.01
C SER D 142 -25.63 12.66 -6.08
N ALA D 143 -26.05 12.09 -4.95
CA ALA D 143 -26.43 10.69 -4.90
C ALA D 143 -27.61 10.40 -5.84
N VAL D 144 -28.61 11.27 -5.83
CA VAL D 144 -29.72 11.15 -6.79
C VAL D 144 -29.23 11.17 -8.23
N ASN D 145 -28.37 12.10 -8.60
CA ASN D 145 -27.84 12.16 -9.96
C ASN D 145 -27.01 10.93 -10.30
N GLN D 146 -26.24 10.40 -9.35
CA GLN D 146 -25.54 9.14 -9.58
C GLN D 146 -26.51 8.02 -9.93
N VAL D 147 -27.61 7.89 -9.19
CA VAL D 147 -28.60 6.86 -9.49
C VAL D 147 -29.18 7.08 -10.88
N GLU D 148 -29.51 8.32 -11.24
CA GLU D 148 -30.07 8.60 -12.56
C GLU D 148 -29.11 8.22 -13.67
N PHE D 149 -27.84 8.59 -13.52
CA PHE D 149 -26.79 8.27 -14.47
C PHE D 149 -26.58 6.77 -14.59
N LEU D 150 -26.54 6.06 -13.47
CA LEU D 150 -26.35 4.61 -13.48
C LEU D 150 -27.55 3.88 -14.09
N GLU D 151 -28.76 4.39 -13.79
CA GLU D 151 -29.95 3.83 -14.43
C GLU D 151 -29.86 3.96 -15.94
N SER D 152 -29.47 5.14 -16.43
CA SER D 152 -29.28 5.32 -17.87
C SER D 152 -28.27 4.34 -18.44
N LEU D 153 -27.15 4.13 -17.74
CA LEU D 153 -26.14 3.17 -18.14
C LEU D 153 -26.70 1.74 -18.17
N TYR D 154 -27.46 1.38 -17.14
CA TYR D 154 -28.11 0.08 -17.05
C TYR D 154 -28.97 -0.20 -18.27
N LEU D 155 -29.78 0.79 -18.64
CA LEU D 155 -30.72 0.72 -19.74
C LEU D 155 -30.11 1.00 -21.11
N ASN D 156 -28.82 1.30 -21.18
CA ASN D 156 -28.10 1.63 -22.39
C ASN D 156 -28.61 2.93 -23.02
N LYS D 157 -29.02 3.88 -22.17
CA LYS D 157 -29.65 5.10 -22.63
C LYS D 157 -28.68 6.28 -22.62
N LEU D 158 -27.45 6.06 -22.16
CA LEU D 158 -26.46 7.13 -22.26
C LEU D 158 -26.19 7.43 -23.73
N SER D 159 -25.70 8.64 -23.99
CA SER D 159 -25.27 9.04 -25.32
C SER D 159 -23.90 8.47 -25.67
N ALA D 160 -23.86 7.18 -25.91
CA ALA D 160 -22.68 6.38 -26.17
C ALA D 160 -23.15 5.08 -26.82
N SER D 161 -22.28 4.40 -27.55
CA SER D 161 -22.73 3.15 -28.19
C SER D 161 -23.20 2.18 -27.11
N LYS D 162 -24.12 1.28 -27.47
CA LYS D 162 -24.50 0.24 -26.52
C LYS D 162 -23.31 -0.66 -26.20
N GLU D 163 -22.50 -0.95 -27.21
CA GLU D 163 -21.25 -1.68 -27.03
C GLU D 163 -20.40 -1.12 -25.91
N ASN D 164 -20.09 0.19 -25.94
CA ASN D 164 -19.24 0.77 -24.91
C ASN D 164 -19.90 0.79 -23.53
N GLN D 165 -21.21 1.00 -23.48
CA GLN D 165 -21.94 0.89 -22.21
C GLN D 165 -21.86 -0.52 -21.65
N LEU D 166 -22.02 -1.54 -22.51
CA LEU D 166 -21.89 -2.92 -22.06
C LEU D 166 -20.49 -3.25 -21.60
N ILE D 167 -19.47 -2.73 -22.29
CA ILE D 167 -18.08 -2.95 -21.90
C ILE D 167 -17.83 -2.41 -20.50
N VAL D 168 -18.26 -1.18 -20.24
CA VAL D 168 -18.02 -0.58 -18.93
C VAL D 168 -18.83 -1.30 -17.86
N LYS D 169 -20.04 -1.73 -18.18
CA LYS D 169 -20.84 -2.50 -17.23
C LYS D 169 -20.15 -3.79 -16.83
N GLU D 170 -19.61 -4.60 -17.74
CA GLU D 170 -18.93 -5.81 -17.28
C GLU D 170 -17.73 -5.47 -16.39
N ALA D 171 -17.02 -4.39 -16.66
CA ALA D 171 -15.92 -3.93 -15.82
C ALA D 171 -16.34 -3.52 -14.41
N LEU D 172 -17.62 -3.24 -14.19
CA LEU D 172 -18.13 -2.85 -12.89
C LEU D 172 -18.70 -4.01 -12.09
N VAL D 173 -18.72 -5.22 -12.65
CA VAL D 173 -19.22 -6.37 -11.89
C VAL D 173 -18.31 -6.63 -10.70
N THR D 174 -18.89 -6.66 -9.50
CA THR D 174 -18.09 -6.92 -8.30
C THR D 174 -18.56 -8.13 -7.52
N GLU D 175 -19.80 -8.57 -7.72
CA GLU D 175 -20.32 -9.77 -7.05
C GLU D 175 -21.13 -10.56 -8.07
N ALA D 176 -21.05 -11.90 -8.01
CA ALA D 176 -21.75 -12.72 -8.98
C ALA D 176 -22.19 -14.05 -8.37
N ALA D 177 -23.48 -14.28 -8.44
CA ALA D 177 -24.11 -15.55 -8.11
C ALA D 177 -25.19 -15.80 -9.18
N PRO D 178 -25.76 -16.99 -9.23
CA PRO D 178 -26.69 -17.33 -10.29
C PRO D 178 -27.83 -16.35 -10.44
N GLU D 179 -28.43 -15.91 -9.33
CA GLU D 179 -29.51 -14.94 -9.39
C GLU D 179 -29.19 -13.69 -8.58
N TYR D 180 -27.91 -13.34 -8.52
CA TYR D 180 -27.50 -12.12 -7.81
C TYR D 180 -26.28 -11.53 -8.50
N LEU D 181 -26.42 -10.32 -9.04
CA LEU D 181 -25.28 -9.70 -9.73
C LEU D 181 -25.12 -8.27 -9.25
N VAL D 182 -23.92 -7.90 -8.82
CA VAL D 182 -23.70 -6.53 -8.34
C VAL D 182 -22.76 -5.79 -9.30
N HIS D 183 -23.21 -4.64 -9.79
CA HIS D 183 -22.34 -3.69 -10.47
C HIS D 183 -22.08 -2.53 -9.50
N SER D 184 -20.81 -2.23 -9.21
CA SER D 184 -20.59 -1.18 -8.19
C SER D 184 -19.28 -0.47 -8.43
N LYS D 185 -19.15 0.69 -7.78
CA LYS D 185 -17.94 1.50 -7.93
C LYS D 185 -17.73 2.32 -6.66
N THR D 186 -16.54 2.20 -6.09
CA THR D 186 -16.19 3.04 -4.95
C THR D 186 -15.70 4.40 -5.42
N GLY D 187 -15.79 5.38 -4.51
CA GLY D 187 -15.12 6.67 -4.75
C GLY D 187 -14.57 7.18 -3.42
N PHE D 188 -13.50 7.96 -3.48
CA PHE D 188 -12.86 8.47 -2.27
C PHE D 188 -11.94 9.64 -2.63
N SER D 189 -12.13 10.78 -1.98
CA SER D 189 -11.33 11.95 -2.35
C SER D 189 -10.10 12.10 -1.45
N GLY D 190 -10.08 11.36 -0.35
CA GLY D 190 -9.01 11.52 0.64
C GLY D 190 -9.60 11.84 2.01
N VAL D 191 -8.83 11.62 3.07
CA VAL D 191 -9.26 11.92 4.43
C VAL D 191 -9.14 13.42 4.68
N GLY D 192 -10.21 14.03 5.17
CA GLY D 192 -10.17 15.45 5.51
C GLY D 192 -10.31 15.66 7.02
N THR D 193 -10.63 16.89 7.40
CA THR D 193 -10.87 17.24 8.79
C THR D 193 -12.36 17.28 9.09
N GLU D 194 -12.77 17.48 10.35
CA GLU D 194 -14.19 17.54 10.66
C GLU D 194 -14.86 18.72 9.96
N SER D 195 -14.19 19.87 9.92
CA SER D 195 -14.69 21.05 9.27
C SER D 195 -14.60 20.97 7.75
N ASN D 196 -13.60 20.26 7.22
CA ASN D 196 -13.44 20.11 5.78
C ASN D 196 -13.20 18.65 5.38
N PRO D 197 -14.22 17.83 5.51
CA PRO D 197 -14.13 16.41 5.27
C PRO D 197 -13.92 16.04 3.82
N GLY D 198 -13.27 14.90 3.58
CA GLY D 198 -13.25 14.31 2.24
C GLY D 198 -14.60 13.64 2.02
N VAL D 199 -14.79 13.08 0.83
CA VAL D 199 -16.03 12.33 0.56
C VAL D 199 -15.67 10.92 0.13
N ALA D 200 -16.48 9.96 0.58
CA ALA D 200 -16.34 8.57 0.15
C ALA D 200 -17.68 8.13 -0.44
N TRP D 201 -17.61 7.36 -1.51
CA TRP D 201 -18.82 6.97 -2.23
C TRP D 201 -18.87 5.44 -2.39
N TRP D 202 -20.09 4.93 -2.50
CA TRP D 202 -20.28 3.60 -3.09
C TRP D 202 -21.56 3.69 -3.92
N VAL D 203 -21.44 3.44 -5.23
CA VAL D 203 -22.58 3.60 -6.12
C VAL D 203 -22.72 2.33 -6.99
N GLY D 204 -23.92 2.05 -7.47
CA GLY D 204 -24.05 0.98 -8.46
C GLY D 204 -25.48 0.45 -8.50
N TRP D 205 -25.62 -0.82 -8.87
CA TRP D 205 -26.94 -1.46 -8.79
C TRP D 205 -26.80 -2.94 -8.46
N VAL D 206 -27.86 -3.46 -7.85
CA VAL D 206 -27.96 -4.88 -7.52
C VAL D 206 -29.08 -5.50 -8.35
N GLU D 207 -28.77 -6.55 -9.10
CA GLU D 207 -29.83 -7.36 -9.72
C GLU D 207 -30.03 -8.59 -8.85
N LYS D 208 -31.25 -8.72 -8.32
CA LYS D 208 -31.61 -9.85 -7.48
C LYS D 208 -32.83 -10.54 -8.10
N GLU D 209 -32.67 -11.80 -8.48
CA GLU D 209 -33.74 -12.46 -9.26
C GLU D 209 -34.11 -11.58 -10.42
N THR D 210 -35.36 -11.16 -10.60
CA THR D 210 -35.69 -10.29 -11.74
C THR D 210 -35.91 -8.84 -11.34
N GLU D 211 -35.45 -8.47 -10.15
CA GLU D 211 -35.59 -7.08 -9.70
C GLU D 211 -34.24 -6.37 -9.81
N VAL D 212 -34.29 -5.05 -9.92
CA VAL D 212 -33.06 -4.26 -9.97
C VAL D 212 -33.18 -3.12 -8.96
N TYR D 213 -32.11 -2.90 -8.20
CA TYR D 213 -32.07 -1.84 -7.20
C TYR D 213 -30.89 -0.92 -7.52
N PHE D 214 -31.16 0.34 -7.78
CA PHE D 214 -30.07 1.31 -7.99
C PHE D 214 -29.71 1.96 -6.66
N PHE D 215 -28.41 2.14 -6.41
CA PHE D 215 -28.03 2.74 -5.12
C PHE D 215 -26.89 3.73 -5.27
N ALA D 216 -26.89 4.70 -4.35
CA ALA D 216 -25.78 5.65 -4.28
C ALA D 216 -25.60 6.07 -2.82
N PHE D 217 -24.37 5.91 -2.34
CA PHE D 217 -24.00 6.27 -0.98
C PHE D 217 -22.86 7.28 -1.01
N ASN D 218 -22.92 8.28 -0.13
CA ASN D 218 -21.71 9.07 0.11
C ASN D 218 -21.68 9.41 1.60
N MET D 219 -20.48 9.69 2.09
CA MET D 219 -20.32 10.11 3.48
C MET D 219 -19.14 11.06 3.59
N ASP D 220 -19.17 11.84 4.67
CA ASP D 220 -18.03 12.70 4.98
C ASP D 220 -16.98 11.85 5.69
N ILE D 221 -15.73 11.97 5.27
CA ILE D 221 -14.68 11.18 5.94
C ILE D 221 -13.62 12.11 6.50
N ASP D 222 -13.51 12.07 7.82
CA ASP D 222 -12.56 12.90 8.56
C ASP D 222 -11.67 12.01 9.43
N ASN D 223 -11.77 10.72 9.20
CA ASN D 223 -10.99 9.73 9.93
C ASN D 223 -10.76 8.54 9.01
N GLU D 224 -9.51 8.17 8.80
CA GLU D 224 -9.14 7.07 7.92
C GLU D 224 -9.83 5.76 8.28
N SER D 225 -10.06 5.48 9.55
CA SER D 225 -10.65 4.26 10.04
C SER D 225 -12.12 4.08 9.68
N LYS D 226 -12.81 5.14 9.26
CA LYS D 226 -14.22 5.08 8.89
C LYS D 226 -14.44 4.69 7.44
N LEU D 227 -13.39 4.53 6.64
CA LEU D 227 -13.53 4.29 5.21
C LEU D 227 -14.36 3.07 4.86
N PRO D 228 -14.18 1.96 5.56
CA PRO D 228 -14.93 0.74 5.29
C PRO D 228 -16.44 0.85 5.44
N LEU D 229 -16.94 1.84 6.15
CA LEU D 229 -18.37 2.13 6.27
C LEU D 229 -19.02 2.47 4.94
N ARG D 230 -18.29 2.92 3.93
CA ARG D 230 -18.81 3.18 2.61
C ARG D 230 -19.48 1.94 2.00
N LYS D 231 -18.97 0.74 2.28
CA LYS D 231 -19.64 -0.48 1.86
C LYS D 231 -20.50 -1.06 2.98
N SER D 232 -20.07 -0.97 4.24
CA SER D 232 -20.80 -1.71 5.28
C SER D 232 -22.15 -1.08 5.60
N ILE D 233 -22.25 0.26 5.56
CA ILE D 233 -23.55 0.89 5.83
C ILE D 233 -24.57 0.54 4.75
N PRO D 234 -24.22 0.70 3.49
CA PRO D 234 -25.11 0.32 2.40
C PRO D 234 -25.51 -1.15 2.45
N THR D 235 -24.54 -2.01 2.70
CA THR D 235 -24.78 -3.44 2.84
C THR D 235 -25.79 -3.72 3.94
N LYS D 236 -25.61 -3.12 5.12
CA LYS D 236 -26.53 -3.33 6.23
C LYS D 236 -27.93 -2.84 5.94
N ILE D 237 -28.06 -1.70 5.26
CA ILE D 237 -29.38 -1.22 4.84
C ILE D 237 -30.01 -2.19 3.84
N MET D 238 -29.23 -2.64 2.85
CA MET D 238 -29.77 -3.57 1.86
C MET D 238 -30.03 -4.94 2.48
N GLU D 239 -29.27 -5.36 3.48
CA GLU D 239 -29.61 -6.53 4.27
C GLU D 239 -30.93 -6.35 5.00
N SER D 240 -31.14 -5.18 5.61
CA SER D 240 -32.36 -4.89 6.36
C SER D 240 -33.60 -4.87 5.48
N GLU D 241 -33.45 -4.47 4.22
CA GLU D 241 -34.54 -4.44 3.25
C GLU D 241 -34.79 -5.78 2.59
N GLY D 242 -33.94 -6.77 2.81
CA GLY D 242 -34.13 -8.11 2.30
C GLY D 242 -33.53 -8.31 0.92
N ILE D 243 -32.76 -7.32 0.45
CA ILE D 243 -32.08 -7.44 -0.83
C ILE D 243 -30.90 -8.40 -0.70
N ILE D 244 -30.01 -8.11 0.25
CA ILE D 244 -28.95 -9.05 0.60
C ILE D 244 -29.52 -10.10 1.55
N GLY D 245 -29.35 -11.36 1.17
CA GLY D 245 -29.93 -12.46 1.93
C GLY D 245 -31.33 -12.77 1.43
N GLY D 246 -31.88 -13.89 1.87
CA GLY D 246 -33.20 -14.33 1.43
C GLY D 246 -34.20 -14.36 2.58
#